data_4OSP
#
_entry.id   4OSP
#
_cell.length_a   63.440
_cell.length_b   110.330
_cell.length_c   78.070
_cell.angle_alpha   90.00
_cell.angle_beta   110.35
_cell.angle_gamma   90.00
#
_symmetry.space_group_name_H-M   'P 1 21 1'
#
loop_
_entity.id
_entity.type
_entity.pdbx_description
1 polymer Oxygenase-reductase
2 non-polymer 'NADP NICOTINAMIDE-ADENINE-DINUCLEOTIDE PHOSPHATE'
3 non-polymer rabelomycin
4 water water
#
_entity_poly.entity_id   1
_entity_poly.type   'polypeptide(L)'
_entity_poly.pdbx_seq_one_letter_code
;MAHHHHHHHRSGKLTGKTALVTGSSRGIGRATAIRLAREGALVAVHCSRNREAADETVATIEKEGGRAFSVLAELGVPGD
VHELFLALERGLKERTDATTLDILVNNAGVMGGVAPEEVTPELFDRLVAVNAKAPFFIVQRALTLIPDGGRIINISSGLT
RFANPQEVAYAMTKGAMDQLTLHFAKHLGSRNITVNSVGPGITNNGTPVFDNPEAVAQMAGYSVFNRVGEVTDVADVVAF
LAGDDARWITGSYLDASGGTLLG
;
_entity_poly.pdbx_strand_id   A,B,C,D
#
loop_
_chem_comp.id
_chem_comp.type
_chem_comp.name
_chem_comp.formula
2V4 non-polymer rabelomycin 'C19 H14 O6'
NAP non-polymer 'NADP NICOTINAMIDE-ADENINE-DINUCLEOTIDE PHOSPHATE' 'C21 H28 N7 O17 P3'
#
# COMPACT_ATOMS: atom_id res chain seq x y z
N GLY A 12 7.90 9.00 33.71
CA GLY A 12 8.46 8.85 32.34
C GLY A 12 8.70 7.39 31.98
N LYS A 13 8.30 7.02 30.77
CA LYS A 13 8.37 5.63 30.30
C LYS A 13 9.79 5.13 30.05
N LEU A 14 10.71 6.07 29.83
CA LEU A 14 12.04 5.72 29.31
C LEU A 14 13.18 5.90 30.33
N THR A 15 12.82 5.92 31.63
CA THR A 15 13.79 6.04 32.71
C THR A 15 14.78 4.90 32.63
N GLY A 16 16.07 5.24 32.61
CA GLY A 16 17.13 4.23 32.55
C GLY A 16 17.62 3.93 31.14
N LYS A 17 16.98 4.53 30.14
CA LYS A 17 17.31 4.25 28.74
C LYS A 17 18.15 5.35 28.14
N THR A 18 18.88 5.02 27.10
CA THR A 18 19.63 6.00 26.35
C THR A 18 19.16 6.01 24.92
N ALA A 19 19.32 7.16 24.28
CA ALA A 19 18.87 7.35 22.92
C ALA A 19 19.88 8.18 22.18
N LEU A 20 20.12 7.85 20.91
CA LEU A 20 20.78 8.76 19.99
C LEU A 20 19.77 9.23 18.94
N VAL A 21 19.68 10.55 18.77
CA VAL A 21 18.89 11.15 17.70
C VAL A 21 19.82 11.94 16.80
N THR A 22 20.01 11.47 15.58
CA THR A 22 20.87 12.19 14.65
C THR A 22 20.15 13.45 14.16
N GLY A 23 20.92 14.52 13.91
CA GLY A 23 20.35 15.80 13.51
C GLY A 23 19.35 16.37 14.50
N SER A 24 19.68 16.34 15.78
CA SER A 24 18.76 16.79 16.83
C SER A 24 19.00 18.23 17.28
N SER A 25 19.68 19.02 16.44
CA SER A 25 20.02 20.39 16.78
C SER A 25 18.92 21.37 16.36
N ARG A 26 18.05 20.93 15.46
CA ARG A 26 16.85 21.71 15.10
C ARG A 26 15.72 20.84 14.55
N GLY A 27 14.56 21.45 14.38
CA GLY A 27 13.39 20.81 13.76
C GLY A 27 12.87 19.60 14.49
N ILE A 28 12.54 18.57 13.72
CA ILE A 28 11.97 17.33 14.24
C ILE A 28 12.93 16.59 15.18
N GLY A 29 14.20 16.54 14.80
CA GLY A 29 15.24 15.92 15.62
C GLY A 29 15.32 16.54 17.01
N ARG A 30 15.33 17.86 17.04
CA ARG A 30 15.40 18.62 18.29
C ARG A 30 14.21 18.30 19.20
N ALA A 31 13.01 18.34 18.64
CA ALA A 31 11.80 18.05 19.42
C ALA A 31 11.75 16.57 19.88
N THR A 32 12.32 15.68 19.07
CA THR A 32 12.36 14.25 19.39
C THR A 32 13.30 14.02 20.58
N ALA A 33 14.53 14.55 20.46
CA ALA A 33 15.47 14.62 21.58
C ALA A 33 14.78 15.13 22.86
N ILE A 34 14.15 16.30 22.76
CA ILE A 34 13.48 16.92 23.91
C ILE A 34 12.39 16.02 24.50
N ARG A 35 11.53 15.47 23.63
CA ARG A 35 10.47 14.58 24.08
C ARG A 35 10.97 13.28 24.71
N LEU A 36 12.06 12.72 24.18
CA LEU A 36 12.62 11.48 24.74
C LEU A 36 13.28 11.73 26.10
N ALA A 37 13.94 12.87 26.24
CA ALA A 37 14.53 13.28 27.52
C ALA A 37 13.45 13.53 28.59
N ARG A 38 12.33 14.09 28.16
CA ARG A 38 11.21 14.31 29.04
C ARG A 38 10.65 12.99 29.64
N GLU A 39 10.67 11.92 28.85
CA GLU A 39 10.26 10.59 29.35
C GLU A 39 11.38 9.92 30.15
N GLY A 40 12.48 10.65 30.34
CA GLY A 40 13.54 10.20 31.24
C GLY A 40 14.74 9.53 30.59
N ALA A 41 14.84 9.60 29.27
CA ALA A 41 15.96 8.98 28.58
C ALA A 41 17.17 9.91 28.57
N LEU A 42 18.36 9.32 28.64
CA LEU A 42 19.60 10.07 28.44
C LEU A 42 19.78 10.24 26.94
N VAL A 43 19.77 11.48 26.46
CA VAL A 43 19.74 11.68 25.02
C VAL A 43 21.05 12.23 24.45
N ALA A 44 21.61 11.49 23.49
CA ALA A 44 22.70 12.00 22.68
C ALA A 44 22.16 12.89 21.56
N VAL A 45 22.49 14.17 21.64
CA VAL A 45 22.04 15.16 20.69
C VAL A 45 23.13 15.36 19.66
N HIS A 46 22.81 15.12 18.39
CA HIS A 46 23.81 15.10 17.33
C HIS A 46 23.53 16.15 16.27
N CYS A 47 24.61 16.72 15.74
CA CYS A 47 24.58 17.37 14.41
C CYS A 47 25.97 17.41 13.74
N SER A 48 26.06 18.05 12.59
CA SER A 48 27.31 18.08 11.82
C SER A 48 28.43 18.78 12.56
N ARG A 49 28.46 20.12 12.50
CA ARG A 49 29.54 20.87 13.14
C ARG A 49 29.08 21.81 14.27
N ASN A 50 27.88 22.37 14.14
CA ASN A 50 27.48 23.45 15.04
C ASN A 50 27.29 23.02 16.49
N ARG A 51 28.37 23.06 17.26
CA ARG A 51 28.34 22.70 18.69
C ARG A 51 27.30 23.48 19.52
N GLU A 52 27.20 24.79 19.29
CA GLU A 52 26.26 25.62 20.03
C GLU A 52 24.83 25.20 19.77
N ALA A 53 24.55 24.83 18.52
CA ALA A 53 23.23 24.38 18.12
C ALA A 53 22.86 23.10 18.89
N ALA A 54 23.76 22.13 18.91
CA ALA A 54 23.54 20.91 19.70
C ALA A 54 23.37 21.25 21.18
N ASP A 55 24.22 22.14 21.69
CA ASP A 55 24.20 22.48 23.11
C ASP A 55 22.95 23.24 23.55
N GLU A 56 22.35 24.00 22.63
CA GLU A 56 21.08 24.68 22.91
C GLU A 56 19.99 23.65 23.22
N THR A 57 19.96 22.55 22.46
CA THR A 57 19.01 21.47 22.72
C THR A 57 19.32 20.86 24.08
N VAL A 58 20.60 20.62 24.33
CA VAL A 58 21.03 20.12 25.63
C VAL A 58 20.59 21.06 26.78
N ALA A 59 20.81 22.36 26.59
CA ALA A 59 20.37 23.36 27.57
C ALA A 59 18.87 23.24 27.88
N THR A 60 18.04 23.23 26.83
CA THR A 60 16.58 23.11 26.97
C THR A 60 16.16 21.85 27.74
N ILE A 61 16.76 20.72 27.39
CA ILE A 61 16.52 19.47 28.10
C ILE A 61 16.92 19.55 29.57
N GLU A 62 18.03 20.24 29.86
CA GLU A 62 18.51 20.34 31.24
C GLU A 62 17.61 21.21 32.10
N LYS A 63 17.15 22.33 31.53
CA LYS A 63 16.17 23.22 32.19
C LYS A 63 14.93 22.45 32.66
N GLU A 64 14.42 21.57 31.81
CA GLU A 64 13.23 20.78 32.13
C GLU A 64 13.59 19.60 33.03
N GLY A 65 14.83 19.58 33.51
CA GLY A 65 15.27 18.58 34.45
C GLY A 65 15.54 17.22 33.82
N GLY A 66 16.08 17.23 32.61
CA GLY A 66 16.46 15.99 31.95
C GLY A 66 17.96 15.91 31.73
N ARG A 67 18.40 14.84 31.07
CA ARG A 67 19.81 14.57 30.86
C ARG A 67 20.15 14.32 29.40
N ALA A 68 21.13 15.06 28.90
CA ALA A 68 21.52 15.01 27.49
C ALA A 68 22.96 15.49 27.34
N PHE A 69 23.58 15.08 26.23
CA PHE A 69 24.90 15.58 25.87
C PHE A 69 25.05 15.65 24.36
N SER A 70 25.90 16.56 23.90
CA SER A 70 26.03 16.79 22.49
C SER A 70 27.15 15.98 21.89
N VAL A 71 26.97 15.60 20.63
CA VAL A 71 27.90 14.77 19.91
C VAL A 71 27.97 15.30 18.49
N LEU A 72 29.19 15.39 17.95
CA LEU A 72 29.44 16.14 16.74
C LEU A 72 30.11 15.26 15.69
N ALA A 73 29.42 15.07 14.56
CA ALA A 73 29.97 14.28 13.46
C ALA A 73 29.26 14.58 12.17
N GLU A 74 30.00 15.05 11.20
CA GLU A 74 29.47 15.32 9.87
C GLU A 74 29.21 13.97 9.17
N LEU A 75 27.94 13.69 8.90
CA LEU A 75 27.56 12.45 8.23
C LEU A 75 27.79 12.56 6.72
N GLY A 76 28.03 11.43 6.07
CA GLY A 76 28.18 11.39 4.61
C GLY A 76 29.57 11.69 4.07
N VAL A 77 30.59 11.58 4.92
CA VAL A 77 31.97 11.75 4.51
C VAL A 77 32.78 10.57 5.05
N PRO A 78 33.87 10.18 4.37
CA PRO A 78 34.67 9.08 4.90
C PRO A 78 35.00 9.26 6.39
N GLY A 79 34.75 8.24 7.19
CA GLY A 79 35.04 8.29 8.62
C GLY A 79 33.90 8.78 9.52
N ASP A 80 32.78 9.20 8.92
CA ASP A 80 31.62 9.69 9.70
C ASP A 80 31.18 8.79 10.86
N VAL A 81 31.05 7.49 10.58
CA VAL A 81 30.56 6.53 11.57
C VAL A 81 31.54 6.40 12.74
N HIS A 82 32.81 6.18 12.42
CA HIS A 82 33.86 6.10 13.43
C HIS A 82 33.85 7.32 14.37
N GLU A 83 33.82 8.51 13.78
CA GLU A 83 33.77 9.74 14.57
C GLU A 83 32.51 9.83 15.44
N LEU A 84 31.37 9.38 14.89
CA LEU A 84 30.10 9.46 15.61
C LEU A 84 30.11 8.55 16.83
N PHE A 85 30.49 7.30 16.63
CA PHE A 85 30.46 6.34 17.72
C PHE A 85 31.53 6.55 18.79
N LEU A 86 32.70 7.03 18.37
CA LEU A 86 33.73 7.43 19.33
C LEU A 86 33.19 8.48 20.29
N ALA A 87 32.60 9.55 19.76
CA ALA A 87 31.99 10.59 20.58
C ALA A 87 30.84 10.05 21.43
N LEU A 88 30.02 9.18 20.81
CA LEU A 88 28.82 8.61 21.47
C LEU A 88 29.18 7.76 22.68
N GLU A 89 30.11 6.83 22.50
CA GLU A 89 30.54 5.94 23.59
C GLU A 89 31.24 6.69 24.74
N ARG A 90 32.22 7.53 24.40
CA ARG A 90 32.83 8.45 25.36
C ARG A 90 31.78 9.11 26.27
N GLY A 91 30.85 9.85 25.67
CA GLY A 91 29.79 10.53 26.41
C GLY A 91 28.89 9.59 27.19
N LEU A 92 28.60 8.43 26.60
CA LEU A 92 27.82 7.39 27.29
C LEU A 92 28.54 6.83 28.51
N LYS A 93 29.83 6.53 28.36
CA LYS A 93 30.63 5.98 29.46
C LYS A 93 30.84 6.97 30.58
N GLU A 94 31.10 8.22 30.23
CA GLU A 94 31.23 9.30 31.22
C GLU A 94 29.99 9.47 32.11
N ARG A 95 28.82 9.08 31.59
CA ARG A 95 27.57 9.29 32.31
C ARG A 95 26.95 8.03 32.90
N THR A 96 27.18 6.88 32.27
CA THR A 96 26.55 5.63 32.72
C THR A 96 27.55 4.52 33.00
N ASP A 97 28.78 4.70 32.52
CA ASP A 97 29.83 3.69 32.65
C ASP A 97 29.48 2.44 31.84
N ALA A 98 28.69 2.66 30.78
CA ALA A 98 28.33 1.62 29.81
C ALA A 98 28.11 2.27 28.45
N THR A 99 28.24 1.47 27.39
CA THR A 99 28.03 1.97 26.03
C THR A 99 26.67 1.55 25.43
N THR A 100 25.80 1.00 26.28
CA THR A 100 24.46 0.58 25.89
C THR A 100 23.67 1.70 25.19
N LEU A 101 23.20 1.40 23.98
CA LEU A 101 22.29 2.29 23.24
C LEU A 101 20.91 1.62 23.09
N ASP A 102 19.94 2.06 23.89
CA ASP A 102 18.59 1.49 23.82
C ASP A 102 17.84 1.90 22.56
N ILE A 103 17.98 3.18 22.19
CA ILE A 103 17.15 3.78 21.17
C ILE A 103 17.97 4.51 20.12
N LEU A 104 17.80 4.10 18.86
CA LEU A 104 18.42 4.79 17.73
C LEU A 104 17.37 5.45 16.84
N VAL A 105 17.49 6.75 16.63
CA VAL A 105 16.59 7.46 15.75
C VAL A 105 17.41 8.03 14.60
N ASN A 106 17.20 7.49 13.39
CA ASN A 106 17.83 8.05 12.18
C ASN A 106 17.00 9.21 11.61
N ASN A 107 17.30 10.42 12.09
CA ASN A 107 16.54 11.61 11.71
C ASN A 107 17.29 12.56 10.76
N ALA A 108 18.61 12.66 10.92
CA ALA A 108 19.43 13.53 10.05
C ALA A 108 19.09 13.32 8.57
N GLY A 109 18.90 14.41 7.85
CA GLY A 109 18.52 14.34 6.43
C GLY A 109 18.68 15.68 5.76
N VAL A 110 18.97 15.67 4.47
CA VAL A 110 18.99 16.89 3.66
C VAL A 110 18.15 16.77 2.40
N MET A 111 17.64 17.91 1.93
CA MET A 111 16.83 18.00 0.73
C MET A 111 17.62 18.44 -0.50
N GLY A 112 17.07 18.13 -1.67
CA GLY A 112 17.68 18.52 -2.94
C GLY A 112 17.32 19.94 -3.29
N GLY A 113 16.02 20.18 -3.45
CA GLY A 113 15.51 21.50 -3.76
C GLY A 113 15.86 22.08 -5.13
N VAL A 114 16.06 21.24 -6.14
CA VAL A 114 16.22 21.69 -7.54
C VAL A 114 15.35 20.83 -8.46
N ALA A 115 15.03 21.35 -9.64
CA ALA A 115 14.20 20.62 -10.60
C ALA A 115 14.91 19.37 -11.09
N PRO A 116 14.15 18.35 -11.56
CA PRO A 116 14.77 17.06 -11.89
C PRO A 116 15.87 17.21 -12.93
N GLU A 117 15.64 18.07 -13.91
CA GLU A 117 16.62 18.38 -14.95
C GLU A 117 17.92 19.00 -14.38
N GLU A 118 17.84 19.59 -13.18
CA GLU A 118 18.99 20.27 -12.56
C GLU A 118 19.87 19.39 -11.67
N VAL A 119 19.39 18.20 -11.32
CA VAL A 119 20.12 17.35 -10.37
C VAL A 119 21.50 16.96 -10.93
N THR A 120 22.56 17.17 -10.14
CA THR A 120 23.90 16.75 -10.53
C THR A 120 24.24 15.44 -9.83
N PRO A 121 25.16 14.65 -10.39
CA PRO A 121 25.71 13.47 -9.73
C PRO A 121 26.18 13.80 -8.32
N GLU A 122 26.72 15.00 -8.16
CA GLU A 122 27.26 15.48 -6.92
C GLU A 122 26.16 15.61 -5.89
N LEU A 123 25.08 16.28 -6.26
CA LEU A 123 23.92 16.40 -5.38
C LEU A 123 23.33 15.02 -5.06
N PHE A 124 23.14 14.19 -6.08
CA PHE A 124 22.64 12.83 -5.88
C PHE A 124 23.49 12.08 -4.85
N ASP A 125 24.79 11.94 -5.12
CA ASP A 125 25.71 11.27 -4.20
C ASP A 125 25.52 11.78 -2.78
N ARG A 126 25.40 13.10 -2.64
CA ARG A 126 25.31 13.73 -1.33
C ARG A 126 24.02 13.32 -0.59
N LEU A 127 22.90 13.28 -1.30
CA LEU A 127 21.63 12.91 -0.70
C LEU A 127 21.63 11.45 -0.24
N VAL A 128 22.05 10.56 -1.14
CA VAL A 128 22.27 9.16 -0.78
C VAL A 128 23.18 9.02 0.44
N ALA A 129 24.36 9.65 0.39
CA ALA A 129 25.39 9.50 1.44
C ALA A 129 24.87 9.88 2.81
N VAL A 130 24.06 10.92 2.86
CA VAL A 130 23.53 11.43 4.12
C VAL A 130 22.23 10.73 4.54
N ASN A 131 21.33 10.54 3.56
CA ASN A 131 19.94 10.13 3.85
C ASN A 131 19.72 8.64 3.99
N ALA A 132 20.52 7.84 3.28
CA ALA A 132 20.33 6.38 3.16
C ALA A 132 21.56 5.55 3.56
N LYS A 133 22.73 5.91 3.01
CA LYS A 133 23.99 5.25 3.34
C LYS A 133 24.41 5.43 4.80
N ALA A 134 24.38 6.66 5.31
CA ALA A 134 24.75 6.88 6.72
C ALA A 134 23.82 6.11 7.67
N PRO A 135 22.50 6.17 7.44
CA PRO A 135 21.62 5.36 8.30
C PRO A 135 21.96 3.88 8.26
N PHE A 136 22.23 3.34 7.08
CA PHE A 136 22.61 1.93 6.98
C PHE A 136 23.84 1.60 7.81
N PHE A 137 24.91 2.36 7.64
CA PHE A 137 26.15 2.09 8.36
C PHE A 137 26.12 2.45 9.84
N ILE A 138 25.28 3.42 10.20
CA ILE A 138 25.03 3.73 11.61
C ILE A 138 24.33 2.55 12.29
N VAL A 139 23.29 2.03 11.65
CA VAL A 139 22.64 0.80 12.10
C VAL A 139 23.63 -0.38 12.25
N GLN A 140 24.34 -0.71 11.18
CA GLN A 140 25.38 -1.77 11.19
C GLN A 140 26.27 -1.66 12.43
N ARG A 141 26.79 -0.46 12.68
CA ARG A 141 27.68 -0.21 13.79
C ARG A 141 26.96 -0.23 15.16
N ALA A 142 25.74 0.30 15.20
CA ALA A 142 24.95 0.33 16.44
C ALA A 142 24.49 -1.04 16.95
N LEU A 143 24.42 -2.03 16.05
CA LEU A 143 23.88 -3.35 16.40
C LEU A 143 24.52 -3.98 17.65
N THR A 144 25.80 -3.69 17.86
CA THR A 144 26.54 -4.23 19.01
C THR A 144 26.27 -3.46 20.30
N LEU A 145 25.75 -2.23 20.17
CA LEU A 145 25.44 -1.41 21.34
C LEU A 145 23.99 -1.52 21.77
N ILE A 146 23.12 -1.89 20.82
CA ILE A 146 21.70 -2.01 21.09
C ILE A 146 21.40 -3.36 21.73
N PRO A 147 20.79 -3.35 22.94
CA PRO A 147 20.50 -4.59 23.62
C PRO A 147 19.23 -5.19 23.07
N ASP A 148 19.09 -6.51 23.18
CA ASP A 148 17.82 -7.16 22.89
C ASP A 148 16.69 -6.36 23.55
N GLY A 149 15.59 -6.19 22.82
CA GLY A 149 14.45 -5.40 23.30
C GLY A 149 14.55 -3.93 22.95
N GLY A 150 15.55 -3.57 22.15
CA GLY A 150 15.82 -2.17 21.80
C GLY A 150 15.04 -1.64 20.59
N ARG A 151 15.43 -0.47 20.11
CA ARG A 151 14.59 0.30 19.19
C ARG A 151 15.41 0.99 18.10
N ILE A 152 14.98 0.79 16.85
CA ILE A 152 15.44 1.63 15.75
C ILE A 152 14.24 2.32 15.11
N ILE A 153 14.32 3.65 15.01
CA ILE A 153 13.25 4.43 14.38
C ILE A 153 13.87 5.27 13.26
N ASN A 154 13.35 5.08 12.05
CA ASN A 154 13.88 5.80 10.91
C ASN A 154 12.89 6.88 10.47
N ILE A 155 13.38 8.10 10.31
CA ILE A 155 12.52 9.20 9.88
C ILE A 155 12.53 9.24 8.36
N SER A 156 11.41 8.82 7.79
CA SER A 156 11.24 8.70 6.34
C SER A 156 10.61 9.99 5.83
N SER A 157 9.68 9.87 4.89
CA SER A 157 8.99 11.03 4.31
C SER A 157 7.71 10.64 3.57
N GLY A 158 6.66 11.45 3.76
CA GLY A 158 5.42 11.30 2.98
C GLY A 158 5.63 11.36 1.47
N LEU A 159 6.75 11.95 1.05
CA LEU A 159 7.06 12.01 -0.38
C LEU A 159 7.34 10.64 -0.98
N THR A 160 7.53 9.61 -0.14
CA THR A 160 7.58 8.23 -0.65
C THR A 160 6.20 7.77 -1.14
N ARG A 161 5.15 8.47 -0.75
CA ARG A 161 3.78 8.10 -1.15
C ARG A 161 3.06 9.23 -1.87
N PHE A 162 3.64 10.43 -1.84
CA PHE A 162 3.05 11.63 -2.42
C PHE A 162 3.98 12.22 -3.48
N ALA A 163 3.55 12.20 -4.74
CA ALA A 163 4.40 12.64 -5.87
C ALA A 163 4.84 14.09 -5.76
N ASN A 164 6.14 14.33 -5.92
CA ASN A 164 6.71 15.67 -5.90
C ASN A 164 8.06 15.68 -6.62
N PRO A 165 8.04 15.95 -7.95
CA PRO A 165 9.25 15.87 -8.78
C PRO A 165 10.41 16.73 -8.27
N GLN A 166 10.09 17.82 -7.57
CA GLN A 166 11.12 18.70 -7.00
C GLN A 166 12.04 18.04 -5.99
N GLU A 167 11.62 16.89 -5.48
CA GLU A 167 12.39 16.16 -4.49
C GLU A 167 12.51 14.66 -4.82
N VAL A 168 12.40 14.30 -6.10
CA VAL A 168 12.49 12.90 -6.51
C VAL A 168 13.75 12.18 -5.98
N ALA A 169 14.91 12.85 -6.05
CA ALA A 169 16.17 12.22 -5.62
C ALA A 169 16.15 12.01 -4.11
N TYR A 170 15.72 13.06 -3.38
CA TYR A 170 15.42 12.96 -1.96
C TYR A 170 14.48 11.79 -1.65
N ALA A 171 13.40 11.67 -2.42
CA ALA A 171 12.39 10.65 -2.15
C ALA A 171 12.92 9.24 -2.44
N MET A 172 13.78 9.15 -3.46
CA MET A 172 14.53 7.91 -3.72
C MET A 172 15.30 7.46 -2.49
N THR A 173 15.97 8.39 -1.80
CA THR A 173 16.75 8.06 -0.60
C THR A 173 15.86 7.61 0.55
N LYS A 174 14.63 8.11 0.57
CA LYS A 174 13.69 7.77 1.61
C LYS A 174 13.02 6.45 1.31
N GLY A 175 12.79 6.18 0.02
CA GLY A 175 12.40 4.86 -0.44
C GLY A 175 13.43 3.81 -0.04
N ALA A 176 14.71 4.16 -0.17
CA ALA A 176 15.79 3.27 0.31
C ALA A 176 15.71 3.09 1.82
N MET A 177 15.42 4.19 2.52
CA MET A 177 15.30 4.20 3.97
C MET A 177 14.20 3.27 4.48
N ASP A 178 13.05 3.29 3.81
CA ASP A 178 11.94 2.42 4.19
C ASP A 178 12.28 0.95 3.93
N GLN A 179 13.10 0.68 2.93
CA GLN A 179 13.58 -0.69 2.71
C GLN A 179 14.48 -1.17 3.85
N LEU A 180 15.30 -0.26 4.37
CA LEU A 180 16.10 -0.51 5.57
C LEU A 180 15.22 -0.92 6.75
N THR A 181 14.09 -0.23 6.93
CA THR A 181 13.13 -0.63 7.94
C THR A 181 12.62 -2.06 7.72
N LEU A 182 12.13 -2.35 6.52
CA LEU A 182 11.51 -3.64 6.23
C LEU A 182 12.48 -4.79 6.50
N HIS A 183 13.67 -4.71 5.92
CA HIS A 183 14.62 -5.81 5.98
C HIS A 183 15.33 -6.01 7.32
N PHE A 184 15.72 -4.93 7.99
CA PHE A 184 16.28 -5.07 9.33
C PHE A 184 15.24 -5.50 10.38
N ALA A 185 13.97 -5.19 10.15
CA ALA A 185 12.90 -5.65 11.05
C ALA A 185 12.91 -7.17 11.10
N LYS A 186 13.07 -7.79 9.92
CA LYS A 186 13.18 -9.23 9.82
C LYS A 186 14.49 -9.71 10.44
N HIS A 187 15.60 -9.11 10.01
CA HIS A 187 16.93 -9.47 10.50
C HIS A 187 17.03 -9.45 12.01
N LEU A 188 16.34 -8.52 12.67
CA LEU A 188 16.57 -8.26 14.10
C LEU A 188 15.46 -8.80 14.99
N GLY A 189 14.56 -9.57 14.41
CA GLY A 189 13.41 -10.11 15.13
C GLY A 189 13.76 -11.06 16.26
N SER A 190 14.78 -11.89 16.07
CA SER A 190 15.13 -12.86 17.08
C SER A 190 15.85 -12.18 18.24
N ARG A 191 16.24 -10.93 18.02
CA ARG A 191 16.84 -10.14 19.08
C ARG A 191 15.81 -9.21 19.74
N ASN A 192 14.56 -9.27 19.29
CA ASN A 192 13.50 -8.45 19.91
C ASN A 192 13.66 -6.94 19.69
N ILE A 193 14.37 -6.55 18.64
CA ILE A 193 14.52 -5.13 18.33
C ILE A 193 13.48 -4.76 17.28
N THR A 194 12.60 -3.82 17.60
CA THR A 194 11.65 -3.32 16.62
C THR A 194 12.34 -2.31 15.71
N VAL A 195 11.96 -2.31 14.43
CA VAL A 195 12.50 -1.37 13.46
C VAL A 195 11.34 -0.81 12.64
N ASN A 196 11.16 0.51 12.66
CA ASN A 196 9.98 1.15 12.07
C ASN A 196 10.33 2.48 11.44
N SER A 197 9.52 2.88 10.46
CA SER A 197 9.63 4.21 9.86
C SER A 197 8.53 5.14 10.36
N VAL A 198 8.88 6.41 10.56
CA VAL A 198 7.90 7.45 10.78
C VAL A 198 8.01 8.42 9.61
N GLY A 199 6.92 8.61 8.87
CA GLY A 199 6.93 9.45 7.69
C GLY A 199 6.14 10.74 7.91
N PRO A 200 6.84 11.84 8.20
CA PRO A 200 6.13 13.12 8.33
C PRO A 200 5.56 13.61 6.99
N GLY A 201 4.58 14.51 7.08
CA GLY A 201 4.25 15.40 5.96
C GLY A 201 4.99 16.71 6.15
N ILE A 202 4.45 17.78 5.57
CA ILE A 202 5.01 19.12 5.74
C ILE A 202 5.01 19.50 7.20
N THR A 203 6.18 19.87 7.70
CA THR A 203 6.36 20.16 9.11
C THR A 203 7.15 21.45 9.26
N ASN A 204 6.61 22.40 10.03
CA ASN A 204 7.29 23.68 10.26
C ASN A 204 8.62 23.50 10.97
N ASN A 205 9.73 23.72 10.25
CA ASN A 205 11.06 23.55 10.82
C ASN A 205 11.89 24.84 10.84
N GLY A 206 11.21 25.99 10.82
CA GLY A 206 11.86 27.28 10.97
C GLY A 206 12.40 27.90 9.69
N THR A 207 12.52 27.11 8.63
CA THR A 207 12.99 27.62 7.33
C THR A 207 12.13 28.79 6.83
N PRO A 208 12.66 29.59 5.87
CA PRO A 208 12.03 30.85 5.45
C PRO A 208 10.64 30.66 4.86
N VAL A 209 10.40 29.50 4.24
CA VAL A 209 9.13 29.23 3.55
C VAL A 209 7.91 29.33 4.49
N PHE A 210 8.11 29.03 5.78
CA PHE A 210 7.01 29.06 6.75
C PHE A 210 6.70 30.45 7.28
N ASP A 211 7.39 31.45 6.75
CA ASP A 211 7.16 32.84 7.15
C ASP A 211 6.07 33.52 6.31
N ASN A 212 6.00 33.20 5.02
CA ASN A 212 4.96 33.72 4.12
C ASN A 212 3.59 33.11 4.40
N PRO A 213 2.67 33.90 4.97
CA PRO A 213 1.38 33.38 5.45
C PRO A 213 0.51 32.85 4.31
N GLU A 214 0.96 33.04 3.08
CA GLU A 214 0.22 32.60 1.89
C GLU A 214 0.61 31.19 1.47
N ALA A 215 1.92 30.95 1.43
CA ALA A 215 2.45 29.61 1.13
C ALA A 215 2.09 28.63 2.24
N VAL A 216 2.06 29.13 3.48
CA VAL A 216 1.65 28.36 4.64
C VAL A 216 0.22 27.83 4.47
N ALA A 217 -0.71 28.74 4.19
CA ALA A 217 -2.12 28.37 3.98
C ALA A 217 -2.23 27.29 2.91
N GLN A 218 -1.40 27.39 1.89
CA GLN A 218 -1.35 26.41 0.82
C GLN A 218 -0.87 25.05 1.34
N MET A 219 0.19 25.07 2.16
CA MET A 219 0.75 23.86 2.73
C MET A 219 -0.23 23.25 3.72
N ALA A 220 -0.91 24.11 4.47
CA ALA A 220 -1.91 23.70 5.44
C ALA A 220 -3.00 22.84 4.78
N GLY A 221 -3.32 23.15 3.52
CA GLY A 221 -4.39 22.46 2.80
C GLY A 221 -4.07 21.03 2.41
N TYR A 222 -2.80 20.64 2.53
CA TYR A 222 -2.40 19.25 2.27
C TYR A 222 -2.94 18.27 3.32
N SER A 223 -3.09 18.75 4.55
CA SER A 223 -3.66 17.96 5.64
C SER A 223 -5.17 18.13 5.69
N VAL A 224 -5.87 17.07 6.10
CA VAL A 224 -7.33 17.15 6.27
C VAL A 224 -7.70 17.98 7.50
N PHE A 225 -6.72 18.30 8.34
CA PHE A 225 -6.95 19.20 9.48
C PHE A 225 -6.69 20.66 9.11
N ASN A 226 -6.32 20.89 7.84
CA ASN A 226 -6.06 22.22 7.34
C ASN A 226 -5.14 23.05 8.25
N ARG A 227 -3.97 22.47 8.55
CA ARG A 227 -2.84 23.15 9.17
C ARG A 227 -1.56 22.39 8.83
N VAL A 228 -0.40 23.05 8.96
CA VAL A 228 0.87 22.35 8.82
C VAL A 228 1.16 21.55 10.08
N GLY A 229 2.04 20.56 9.96
CA GLY A 229 2.48 19.80 11.11
C GLY A 229 3.47 20.63 11.91
N GLU A 230 3.50 20.39 13.22
CA GLU A 230 4.55 20.95 14.05
C GLU A 230 5.54 19.85 14.35
N VAL A 231 6.70 20.26 14.83
CA VAL A 231 7.77 19.33 15.12
C VAL A 231 7.36 18.32 16.22
N THR A 232 6.56 18.80 17.18
CA THR A 232 6.09 17.94 18.27
C THR A 232 5.10 16.88 17.77
N ASP A 233 4.38 17.18 16.69
CA ASP A 233 3.43 16.22 16.12
C ASP A 233 4.14 14.92 15.74
N VAL A 234 5.35 15.06 15.20
CA VAL A 234 6.14 13.92 14.73
C VAL A 234 6.89 13.28 15.90
N ALA A 235 7.49 14.13 16.73
CA ALA A 235 8.29 13.68 17.88
C ALA A 235 7.49 12.79 18.83
N ASP A 236 6.23 13.13 19.05
CA ASP A 236 5.36 12.37 19.94
C ASP A 236 5.04 10.97 19.41
N VAL A 237 5.10 10.82 18.08
CA VAL A 237 4.93 9.50 17.45
C VAL A 237 6.20 8.66 17.62
N VAL A 238 7.36 9.30 17.42
CA VAL A 238 8.65 8.66 17.65
C VAL A 238 8.71 8.17 19.11
N ALA A 239 8.24 8.99 20.03
CA ALA A 239 8.34 8.68 21.46
C ALA A 239 7.55 7.43 21.80
N PHE A 240 6.39 7.28 21.17
CA PHE A 240 5.58 6.09 21.35
C PHE A 240 6.30 4.85 20.85
N LEU A 241 6.95 4.96 19.69
CA LEU A 241 7.68 3.82 19.14
C LEU A 241 8.87 3.44 20.02
N ALA A 242 9.48 4.44 20.63
CA ALA A 242 10.66 4.24 21.48
C ALA A 242 10.32 3.50 22.76
N GLY A 243 9.04 3.46 23.11
CA GLY A 243 8.60 2.88 24.37
C GLY A 243 8.04 1.48 24.27
N ASP A 244 7.65 0.94 25.41
CA ASP A 244 7.22 -0.45 25.53
C ASP A 244 5.85 -0.74 24.89
N ASP A 245 4.97 0.28 24.86
CA ASP A 245 3.64 0.12 24.27
C ASP A 245 3.65 -0.24 22.78
N ALA A 246 4.80 -0.08 22.12
CA ALA A 246 4.90 -0.34 20.68
C ALA A 246 5.82 -1.53 20.39
N ARG A 247 5.92 -2.45 21.35
CA ARG A 247 6.75 -3.65 21.21
C ARG A 247 6.25 -4.61 20.13
N TRP A 248 4.99 -4.45 19.70
CA TRP A 248 4.40 -5.41 18.75
C TRP A 248 4.22 -4.82 17.38
N ILE A 249 4.85 -3.66 17.16
CA ILE A 249 4.90 -3.07 15.84
C ILE A 249 6.34 -3.06 15.36
N THR A 250 6.58 -3.60 14.18
CA THR A 250 7.91 -3.63 13.60
C THR A 250 7.79 -3.80 12.10
N GLY A 251 8.75 -3.22 11.38
CA GLY A 251 8.75 -3.23 9.93
C GLY A 251 7.67 -2.38 9.29
N SER A 252 7.11 -1.43 10.04
CA SER A 252 5.97 -0.67 9.52
C SER A 252 6.31 0.78 9.26
N TYR A 253 5.37 1.46 8.60
CA TYR A 253 5.46 2.89 8.30
C TYR A 253 4.34 3.59 9.07
N LEU A 254 4.70 4.52 9.95
CA LEU A 254 3.71 5.32 10.64
C LEU A 254 3.53 6.65 9.93
N ASP A 255 2.28 6.96 9.61
CA ASP A 255 1.93 8.06 8.73
C ASP A 255 1.65 9.31 9.55
N ALA A 256 2.69 10.04 9.90
CA ALA A 256 2.56 11.18 10.77
C ALA A 256 2.48 12.46 9.94
N SER A 257 1.44 12.54 9.12
CA SER A 257 1.27 13.63 8.18
C SER A 257 -0.04 14.41 8.41
N GLY A 258 -0.82 14.02 9.41
CA GLY A 258 -2.14 14.63 9.61
C GLY A 258 -3.05 14.43 8.41
N GLY A 259 -3.00 13.24 7.81
CA GLY A 259 -3.92 12.87 6.74
C GLY A 259 -3.60 13.42 5.36
N THR A 260 -2.31 13.66 5.10
CA THR A 260 -1.86 14.21 3.83
C THR A 260 -1.94 13.19 2.68
N LEU A 261 -1.95 11.90 3.00
CA LEU A 261 -1.93 10.85 1.96
C LEU A 261 -3.30 10.34 1.53
N LEU A 262 -4.35 11.08 1.89
CA LEU A 262 -5.72 10.62 1.69
C LEU A 262 -6.26 10.95 0.30
N GLY A 263 -5.55 11.79 -0.44
CA GLY A 263 -5.86 12.05 -1.84
C GLY A 263 -6.17 13.51 -2.12
N SER B 11 -1.66 7.42 36.01
CA SER B 11 -1.28 7.94 34.66
C SER B 11 -2.07 9.19 34.31
N GLY B 12 -3.40 9.04 34.23
CA GLY B 12 -4.30 10.16 34.00
C GLY B 12 -4.28 10.79 32.61
N LYS B 13 -3.67 10.10 31.65
CA LYS B 13 -3.62 10.60 30.27
C LYS B 13 -5.02 10.80 29.65
N LEU B 14 -5.94 9.87 29.94
CA LEU B 14 -7.31 9.93 29.40
C LEU B 14 -8.35 10.33 30.46
N THR B 15 -7.87 11.01 31.51
CA THR B 15 -8.71 11.47 32.62
C THR B 15 -9.72 12.47 32.08
N GLY B 16 -11.00 12.26 32.41
CA GLY B 16 -12.08 13.12 31.93
C GLY B 16 -12.70 12.64 30.62
N LYS B 17 -12.08 11.61 30.03
CA LYS B 17 -12.55 11.06 28.74
C LYS B 17 -13.50 9.90 28.93
N THR B 18 -14.30 9.63 27.90
CA THR B 18 -15.14 8.45 27.88
C THR B 18 -14.88 7.64 26.61
N ALA B 19 -15.18 6.36 26.67
CA ALA B 19 -14.96 5.49 25.53
C ALA B 19 -15.99 4.37 25.46
N LEU B 20 -16.21 3.87 24.25
CA LEU B 20 -16.98 2.64 24.04
C LEU B 20 -16.10 1.69 23.26
N VAL B 21 -16.01 0.46 23.72
CA VAL B 21 -15.31 -0.58 22.99
C VAL B 21 -16.33 -1.67 22.72
N THR B 22 -16.62 -1.94 21.45
CA THR B 22 -17.60 -2.99 21.13
C THR B 22 -16.97 -4.35 21.25
N GLY B 23 -17.80 -5.36 21.55
CA GLY B 23 -17.33 -6.74 21.73
C GLY B 23 -16.23 -6.80 22.77
N SER B 24 -16.54 -6.27 23.93
CA SER B 24 -15.54 -5.84 24.88
C SER B 24 -15.43 -6.77 26.11
N SER B 25 -16.08 -7.93 26.04
CA SER B 25 -16.13 -8.82 27.19
C SER B 25 -15.01 -9.88 27.17
N ARG B 26 -14.31 -9.96 26.03
CA ARG B 26 -13.36 -11.05 25.74
C ARG B 26 -12.18 -10.53 24.91
N GLY B 27 -11.02 -11.19 25.06
CA GLY B 27 -9.88 -11.07 24.12
C GLY B 27 -9.38 -9.65 23.91
N ILE B 28 -9.13 -9.30 22.64
CA ILE B 28 -8.64 -7.96 22.27
C ILE B 28 -9.54 -6.83 22.80
N GLY B 29 -10.85 -6.97 22.63
CA GLY B 29 -11.79 -5.98 23.15
C GLY B 29 -11.59 -5.75 24.64
N ARG B 30 -11.61 -6.86 25.39
CA ARG B 30 -11.43 -6.83 26.84
C ARG B 30 -10.17 -6.06 27.26
N ALA B 31 -9.03 -6.42 26.67
CA ALA B 31 -7.76 -5.79 27.04
C ALA B 31 -7.73 -4.30 26.67
N THR B 32 -8.37 -3.97 25.54
CA THR B 32 -8.48 -2.59 25.10
C THR B 32 -9.26 -1.76 26.12
N ALA B 33 -10.43 -2.28 26.51
CA ALA B 33 -11.24 -1.62 27.54
C ALA B 33 -10.42 -1.42 28.83
N ILE B 34 -9.69 -2.45 29.23
CA ILE B 34 -8.83 -2.37 30.42
C ILE B 34 -7.74 -1.29 30.31
N ARG B 35 -7.04 -1.25 29.18
CA ARG B 35 -5.94 -0.28 29.02
C ARG B 35 -6.44 1.17 29.00
N LEU B 36 -7.55 1.40 28.29
CA LEU B 36 -8.18 2.73 28.26
C LEU B 36 -8.57 3.20 29.66
N ALA B 37 -9.26 2.35 30.41
CA ALA B 37 -9.63 2.64 31.81
C ALA B 37 -8.43 2.97 32.68
N ARG B 38 -7.37 2.16 32.54
CA ARG B 38 -6.13 2.41 33.27
C ARG B 38 -5.61 3.82 33.02
N GLU B 39 -5.72 4.30 31.78
CA GLU B 39 -5.24 5.64 31.44
C GLU B 39 -6.16 6.76 31.94
N GLY B 40 -7.31 6.38 32.53
CA GLY B 40 -8.23 7.34 33.15
C GLY B 40 -9.59 7.49 32.48
N ALA B 41 -9.83 6.71 31.45
CA ALA B 41 -11.07 6.82 30.67
C ALA B 41 -12.21 6.06 31.34
N LEU B 42 -13.41 6.65 31.32
CA LEU B 42 -14.62 5.90 31.68
C LEU B 42 -15.10 5.11 30.46
N VAL B 43 -15.21 3.79 30.63
CA VAL B 43 -15.36 2.89 29.50
C VAL B 43 -16.69 2.14 29.55
N ALA B 44 -17.39 2.16 28.43
CA ALA B 44 -18.56 1.31 28.25
C ALA B 44 -18.13 0.00 27.63
N VAL B 45 -18.26 -1.06 28.42
CA VAL B 45 -17.93 -2.40 27.96
C VAL B 45 -19.18 -2.96 27.33
N HIS B 46 -19.11 -3.19 26.02
CA HIS B 46 -20.24 -3.78 25.29
C HIS B 46 -20.03 -5.24 25.06
N CYS B 47 -21.13 -5.99 25.06
CA CYS B 47 -21.15 -7.36 24.56
C CYS B 47 -22.52 -7.64 23.95
N SER B 48 -22.56 -8.64 23.07
CA SER B 48 -23.80 -8.98 22.36
C SER B 48 -24.85 -9.68 23.23
N ARG B 49 -24.43 -10.60 24.10
CA ARG B 49 -25.38 -11.40 24.90
C ARG B 49 -24.95 -11.65 26.35
N ASN B 50 -23.69 -12.00 26.54
CA ASN B 50 -23.21 -12.42 27.85
C ASN B 50 -22.99 -11.25 28.83
N ARG B 51 -23.99 -11.01 29.68
CA ARG B 51 -23.95 -9.91 30.67
C ARG B 51 -22.90 -10.14 31.75
N GLU B 52 -22.68 -11.40 32.14
CA GLU B 52 -21.72 -11.74 33.20
C GLU B 52 -20.29 -11.41 32.79
N ALA B 53 -19.89 -11.84 31.60
CA ALA B 53 -18.54 -11.61 31.11
C ALA B 53 -18.25 -10.11 31.00
N ALA B 54 -19.28 -9.34 30.63
CA ALA B 54 -19.14 -7.90 30.54
C ALA B 54 -18.93 -7.27 31.92
N ASP B 55 -19.69 -7.76 32.89
CA ASP B 55 -19.57 -7.32 34.28
C ASP B 55 -18.23 -7.71 34.89
N GLU B 56 -17.63 -8.78 34.39
CA GLU B 56 -16.30 -9.19 34.84
C GLU B 56 -15.20 -8.19 34.41
N THR B 57 -15.26 -7.72 33.17
CA THR B 57 -14.36 -6.69 32.68
C THR B 57 -14.50 -5.42 33.51
N VAL B 58 -15.76 -5.05 33.76
CA VAL B 58 -16.07 -3.87 34.55
C VAL B 58 -15.45 -4.01 35.94
N ALA B 59 -15.66 -5.18 36.56
CA ALA B 59 -15.06 -5.49 37.86
C ALA B 59 -13.54 -5.35 37.85
N THR B 60 -12.91 -5.89 36.81
CA THR B 60 -11.45 -5.83 36.70
C THR B 60 -10.96 -4.39 36.62
N ILE B 61 -11.67 -3.58 35.81
CA ILE B 61 -11.34 -2.18 35.62
C ILE B 61 -11.49 -1.42 36.95
N GLU B 62 -12.52 -1.77 37.70
CA GLU B 62 -12.77 -1.14 39.00
C GLU B 62 -11.72 -1.53 40.05
N LYS B 63 -11.37 -2.82 40.12
CA LYS B 63 -10.28 -3.29 40.99
C LYS B 63 -9.01 -2.50 40.80
N GLU B 64 -8.75 -2.07 39.56
CA GLU B 64 -7.55 -1.32 39.25
C GLU B 64 -7.75 0.15 39.57
N GLY B 65 -8.95 0.51 39.99
CA GLY B 65 -9.23 1.90 40.36
C GLY B 65 -9.73 2.75 39.21
N GLY B 66 -10.24 2.11 38.17
CA GLY B 66 -10.84 2.82 37.05
C GLY B 66 -12.36 2.88 37.14
N ARG B 67 -12.97 3.30 36.03
CA ARG B 67 -14.44 3.45 35.93
C ARG B 67 -14.95 2.79 34.64
N ALA B 68 -16.01 2.00 34.76
CA ALA B 68 -16.60 1.31 33.61
C ALA B 68 -18.05 0.89 33.89
N PHE B 69 -18.81 0.68 32.82
CA PHE B 69 -20.13 0.05 32.93
C PHE B 69 -20.41 -0.87 31.73
N SER B 70 -21.28 -1.85 31.92
CA SER B 70 -21.60 -2.75 30.82
C SER B 70 -22.80 -2.29 29.98
N VAL B 71 -22.82 -2.74 28.73
CA VAL B 71 -23.86 -2.40 27.78
C VAL B 71 -24.18 -3.65 26.96
N LEU B 72 -25.44 -4.05 26.98
CA LEU B 72 -25.89 -5.22 26.24
C LEU B 72 -26.60 -4.79 24.96
N ALA B 73 -26.16 -5.34 23.83
CA ALA B 73 -26.85 -5.11 22.56
C ALA B 73 -26.31 -6.05 21.50
N GLU B 74 -27.18 -6.95 21.03
CA GLU B 74 -26.78 -7.90 20.00
C GLU B 74 -26.57 -7.16 18.68
N LEU B 75 -25.36 -7.27 18.13
CA LEU B 75 -25.04 -6.65 16.85
C LEU B 75 -25.41 -7.53 15.67
N GLY B 76 -25.81 -6.90 14.57
CA GLY B 76 -26.12 -7.61 13.35
C GLY B 76 -27.57 -7.99 13.16
N VAL B 77 -28.42 -7.56 14.09
CA VAL B 77 -29.87 -7.80 13.96
C VAL B 77 -30.59 -6.45 14.00
N PRO B 78 -31.84 -6.40 13.48
CA PRO B 78 -32.58 -5.13 13.46
C PRO B 78 -32.73 -4.50 14.86
N GLY B 79 -32.36 -3.24 14.97
CA GLY B 79 -32.43 -2.51 16.23
C GLY B 79 -31.15 -2.54 17.04
N ASP B 80 -30.09 -3.10 16.47
CA ASP B 80 -28.81 -3.21 17.18
C ASP B 80 -28.19 -1.87 17.56
N VAL B 81 -28.14 -0.93 16.61
CA VAL B 81 -27.57 0.39 16.89
C VAL B 81 -28.45 1.10 17.92
N HIS B 82 -29.76 1.02 17.73
CA HIS B 82 -30.73 1.63 18.63
C HIS B 82 -30.51 1.25 20.10
N GLU B 83 -30.48 -0.05 20.37
CA GLU B 83 -30.32 -0.52 21.75
C GLU B 83 -28.94 -0.14 22.30
N LEU B 84 -27.89 -0.38 21.52
CA LEU B 84 -26.54 0.00 21.92
C LEU B 84 -26.53 1.43 22.49
N PHE B 85 -27.00 2.39 21.70
CA PHE B 85 -26.86 3.78 22.09
C PHE B 85 -27.85 4.23 23.16
N LEU B 86 -29.02 3.60 23.22
CA LEU B 86 -29.95 3.81 24.34
C LEU B 86 -29.22 3.52 25.65
N ALA B 87 -28.60 2.34 25.72
CA ALA B 87 -27.87 1.92 26.90
C ALA B 87 -26.62 2.77 27.11
N LEU B 88 -25.91 3.07 26.02
CA LEU B 88 -24.71 3.88 26.11
C LEU B 88 -25.01 5.26 26.71
N GLU B 89 -26.06 5.90 26.20
CA GLU B 89 -26.40 7.26 26.61
C GLU B 89 -26.92 7.37 28.04
N ARG B 90 -27.79 6.45 28.44
CA ARG B 90 -28.21 6.37 29.84
C ARG B 90 -26.98 6.22 30.76
N GLY B 91 -26.15 5.22 30.49
CA GLY B 91 -24.95 4.96 31.30
C GLY B 91 -23.99 6.14 31.40
N LEU B 92 -23.77 6.82 30.28
CA LEU B 92 -22.86 7.95 30.25
C LEU B 92 -23.42 9.16 31.01
N LYS B 93 -24.71 9.43 30.80
CA LYS B 93 -25.40 10.55 31.46
C LYS B 93 -25.40 10.39 33.00
N GLU B 94 -25.67 9.18 33.47
CA GLU B 94 -25.65 8.88 34.91
C GLU B 94 -24.33 9.17 35.59
N ARG B 95 -23.22 8.89 34.91
CA ARG B 95 -21.92 8.96 35.55
C ARG B 95 -21.17 10.26 35.27
N THR B 96 -21.61 11.03 34.28
CA THR B 96 -20.88 12.23 33.88
C THR B 96 -21.76 13.46 33.77
N ASP B 97 -23.07 13.26 33.64
CA ASP B 97 -24.02 14.34 33.33
C ASP B 97 -23.98 14.78 31.85
N ALA B 98 -23.26 14.02 31.03
CA ALA B 98 -23.16 14.31 29.61
C ALA B 98 -23.21 13.01 28.81
N THR B 99 -23.50 13.11 27.51
CA THR B 99 -23.47 11.93 26.62
C THR B 99 -22.25 11.97 25.70
N THR B 100 -21.37 12.93 25.96
CA THR B 100 -20.11 13.06 25.26
C THR B 100 -19.38 11.71 25.15
N LEU B 101 -19.06 11.32 23.92
CA LEU B 101 -18.29 10.10 23.68
C LEU B 101 -16.98 10.45 23.00
N ASP B 102 -15.89 10.39 23.76
CA ASP B 102 -14.62 10.86 23.26
C ASP B 102 -13.99 9.87 22.31
N ILE B 103 -14.12 8.60 22.67
CA ILE B 103 -13.39 7.54 21.99
C ILE B 103 -14.35 6.42 21.61
N LEU B 104 -14.34 6.06 20.34
CA LEU B 104 -15.09 4.90 19.88
C LEU B 104 -14.15 3.87 19.30
N VAL B 105 -14.22 2.64 19.82
CA VAL B 105 -13.45 1.54 19.29
C VAL B 105 -14.38 0.51 18.70
N ASN B 106 -14.35 0.37 17.37
CA ASN B 106 -15.10 -0.68 16.70
C ASN B 106 -14.33 -1.97 16.71
N ASN B 107 -14.55 -2.78 17.74
CA ASN B 107 -13.79 -4.01 17.90
C ASN B 107 -14.56 -5.26 17.52
N ALA B 108 -15.87 -5.25 17.73
CA ALA B 108 -16.68 -6.45 17.57
C ALA B 108 -16.68 -7.02 16.14
N GLY B 109 -16.63 -8.34 16.05
CA GLY B 109 -16.72 -9.01 14.77
C GLY B 109 -16.79 -10.52 14.94
N VAL B 110 -17.35 -11.21 13.95
CA VAL B 110 -17.39 -12.67 13.99
C VAL B 110 -16.78 -13.26 12.73
N MET B 111 -16.04 -14.36 12.89
CA MET B 111 -15.50 -15.08 11.76
C MET B 111 -16.51 -16.05 11.14
N GLY B 112 -16.21 -16.55 9.95
CA GLY B 112 -17.12 -17.45 9.22
C GLY B 112 -16.84 -18.92 9.46
N GLY B 113 -15.57 -19.29 9.40
CA GLY B 113 -15.13 -20.67 9.65
C GLY B 113 -15.73 -21.69 8.70
N VAL B 114 -15.61 -21.42 7.40
CA VAL B 114 -16.19 -22.26 6.34
C VAL B 114 -15.37 -22.07 5.04
N ALA B 115 -15.22 -23.15 4.28
CA ALA B 115 -14.58 -23.09 2.95
C ALA B 115 -15.41 -22.22 1.99
N PRO B 116 -14.73 -21.55 1.03
CA PRO B 116 -15.44 -20.62 0.13
C PRO B 116 -16.62 -21.27 -0.62
N GLU B 117 -16.62 -22.60 -0.69
CA GLU B 117 -17.68 -23.32 -1.37
C GLU B 117 -18.92 -23.52 -0.51
N GLU B 118 -18.73 -23.56 0.81
CA GLU B 118 -19.82 -23.81 1.77
C GLU B 118 -20.55 -22.54 2.22
N VAL B 119 -20.06 -21.37 1.79
CA VAL B 119 -20.67 -20.10 2.18
C VAL B 119 -22.05 -19.91 1.55
N THR B 120 -23.05 -19.72 2.39
CA THR B 120 -24.42 -19.49 1.95
C THR B 120 -24.75 -18.00 1.98
N PRO B 121 -25.76 -17.60 1.20
CA PRO B 121 -26.30 -16.23 1.21
C PRO B 121 -26.68 -15.72 2.61
N GLU B 122 -27.03 -16.64 3.52
CA GLU B 122 -27.41 -16.29 4.89
C GLU B 122 -26.20 -15.89 5.71
N LEU B 123 -25.19 -16.76 5.72
CA LEU B 123 -23.94 -16.50 6.42
C LEU B 123 -23.26 -15.22 5.93
N PHE B 124 -23.35 -14.98 4.62
CA PHE B 124 -22.76 -13.78 4.03
C PHE B 124 -23.44 -12.55 4.65
N ASP B 125 -24.78 -12.55 4.61
CA ASP B 125 -25.59 -11.52 5.24
C ASP B 125 -25.20 -11.33 6.70
N ARG B 126 -24.98 -12.43 7.40
CA ARG B 126 -24.69 -12.38 8.83
C ARG B 126 -23.35 -11.67 9.09
N LEU B 127 -22.32 -12.05 8.33
CA LEU B 127 -20.99 -11.46 8.48
C LEU B 127 -20.99 -9.97 8.14
N VAL B 128 -21.69 -9.60 7.07
CA VAL B 128 -21.82 -8.21 6.66
C VAL B 128 -22.49 -7.39 7.78
N ALA B 129 -23.67 -7.86 8.20
CA ALA B 129 -24.49 -7.21 9.21
C ALA B 129 -23.68 -6.88 10.46
N VAL B 130 -22.84 -7.83 10.88
CA VAL B 130 -22.04 -7.69 12.10
C VAL B 130 -20.73 -6.93 11.89
N ASN B 131 -20.00 -7.27 10.81
CA ASN B 131 -18.65 -6.77 10.62
C ASN B 131 -18.53 -5.46 9.83
N ALA B 132 -19.54 -5.13 9.03
CA ALA B 132 -19.47 -3.93 8.17
C ALA B 132 -20.64 -2.98 8.40
N LYS B 133 -21.86 -3.51 8.28
CA LYS B 133 -23.06 -2.71 8.48
C LYS B 133 -23.11 -2.06 9.84
N ALA B 134 -22.92 -2.85 10.90
CA ALA B 134 -23.03 -2.30 12.24
C ALA B 134 -21.97 -1.22 12.48
N PRO B 135 -20.69 -1.53 12.19
CA PRO B 135 -19.70 -0.51 12.43
C PRO B 135 -20.01 0.78 11.65
N PHE B 136 -20.48 0.66 10.41
CA PHE B 136 -20.89 1.88 9.70
C PHE B 136 -21.95 2.68 10.45
N PHE B 137 -23.04 2.02 10.82
CA PHE B 137 -24.14 2.72 11.51
C PHE B 137 -23.82 3.14 12.93
N ILE B 138 -22.86 2.46 13.54
CA ILE B 138 -22.38 2.86 14.86
C ILE B 138 -21.59 4.16 14.74
N VAL B 139 -20.74 4.25 13.72
CA VAL B 139 -20.03 5.49 13.46
C VAL B 139 -21.04 6.59 13.18
N GLN B 140 -22.01 6.30 12.33
CA GLN B 140 -22.99 7.30 11.92
C GLN B 140 -23.72 7.85 13.14
N ARG B 141 -24.23 6.95 13.97
CA ARG B 141 -24.93 7.35 15.16
C ARG B 141 -23.99 8.03 16.18
N ALA B 142 -22.76 7.53 16.30
CA ALA B 142 -21.81 8.11 17.27
C ALA B 142 -21.37 9.55 16.97
N LEU B 143 -21.40 9.94 15.70
CA LEU B 143 -21.02 11.30 15.30
C LEU B 143 -21.78 12.36 16.08
N THR B 144 -22.99 12.02 16.51
CA THR B 144 -23.79 12.92 17.31
C THR B 144 -23.23 13.13 18.73
N LEU B 145 -22.39 12.20 19.19
CA LEU B 145 -21.88 12.24 20.55
C LEU B 145 -20.40 12.61 20.62
N ILE B 146 -19.64 12.30 19.58
CA ILE B 146 -18.20 12.57 19.58
C ILE B 146 -17.91 14.05 19.38
N PRO B 147 -17.16 14.66 20.32
CA PRO B 147 -16.79 16.06 20.23
C PRO B 147 -15.67 16.29 19.21
N ASP B 148 -15.48 17.54 18.79
CA ASP B 148 -14.27 17.91 18.09
C ASP B 148 -13.08 17.48 18.92
N GLY B 149 -12.03 16.96 18.28
CA GLY B 149 -10.85 16.48 18.99
C GLY B 149 -10.94 15.02 19.39
N GLY B 150 -12.10 14.38 19.13
CA GLY B 150 -12.35 12.97 19.47
C GLY B 150 -11.59 11.92 18.65
N ARG B 151 -11.97 10.65 18.84
CA ARG B 151 -11.18 9.53 18.32
C ARG B 151 -12.07 8.38 17.83
N ILE B 152 -11.73 7.82 16.68
CA ILE B 152 -12.38 6.58 16.23
C ILE B 152 -11.30 5.59 15.82
N ILE B 153 -11.35 4.40 16.41
CA ILE B 153 -10.40 3.33 16.07
C ILE B 153 -11.15 2.10 15.62
N ASN B 154 -10.79 1.62 14.43
CA ASN B 154 -11.41 0.43 13.89
C ASN B 154 -10.45 -0.74 13.94
N ILE B 155 -10.85 -1.82 14.64
CA ILE B 155 -10.04 -3.04 14.69
C ILE B 155 -10.30 -3.86 13.45
N SER B 156 -9.31 -3.89 12.58
CA SER B 156 -9.37 -4.58 11.31
C SER B 156 -8.87 -6.01 11.49
N SER B 157 -8.06 -6.46 10.54
CA SER B 157 -7.47 -7.79 10.56
C SER B 157 -6.26 -7.84 9.65
N GLY B 158 -5.23 -8.57 10.09
CA GLY B 158 -4.10 -8.94 9.22
C GLY B 158 -4.53 -9.78 8.01
N LEU B 159 -5.70 -10.42 8.12
CA LEU B 159 -6.29 -11.18 7.01
C LEU B 159 -6.70 -10.33 5.79
N THR B 160 -6.73 -9.00 5.93
CA THR B 160 -6.89 -8.11 4.76
C THR B 160 -5.57 -7.97 3.97
N ARG B 161 -4.48 -8.38 4.60
CA ARG B 161 -3.14 -8.23 4.04
C ARG B 161 -2.52 -9.59 3.72
N PHE B 162 -3.11 -10.63 4.29
CA PHE B 162 -2.60 -12.00 4.20
C PHE B 162 -3.70 -12.90 3.65
N ALA B 163 -3.45 -13.48 2.47
CA ALA B 163 -4.41 -14.38 1.83
C ALA B 163 -4.74 -15.62 2.68
N ASN B 164 -6.04 -15.94 2.74
CA ASN B 164 -6.55 -17.08 3.51
C ASN B 164 -7.98 -17.37 3.09
N PRO B 165 -8.16 -18.25 2.09
CA PRO B 165 -9.47 -18.55 1.50
C PRO B 165 -10.47 -19.08 2.53
N GLN B 166 -9.96 -19.62 3.63
CA GLN B 166 -10.81 -20.20 4.70
C GLN B 166 -11.72 -19.16 5.37
N GLU B 167 -11.36 -17.88 5.24
CA GLU B 167 -12.07 -16.82 5.92
C GLU B 167 -12.32 -15.65 4.98
N VAL B 168 -12.60 -15.97 3.72
CA VAL B 168 -12.67 -14.96 2.66
C VAL B 168 -13.81 -13.96 2.89
N ALA B 169 -15.00 -14.48 3.20
CA ALA B 169 -16.14 -13.63 3.46
C ALA B 169 -15.86 -12.66 4.62
N TYR B 170 -15.17 -13.16 5.67
CA TYR B 170 -14.79 -12.35 6.82
C TYR B 170 -13.81 -11.23 6.45
N ALA B 171 -12.85 -11.56 5.58
CA ALA B 171 -11.88 -10.57 5.09
C ALA B 171 -12.55 -9.46 4.28
N MET B 172 -13.54 -9.83 3.48
CA MET B 172 -14.34 -8.85 2.73
C MET B 172 -14.98 -7.84 3.67
N THR B 173 -15.57 -8.33 4.75
CA THR B 173 -16.23 -7.44 5.70
C THR B 173 -15.20 -6.52 6.35
N LYS B 174 -13.99 -7.05 6.57
CA LYS B 174 -12.92 -6.27 7.18
C LYS B 174 -12.21 -5.29 6.24
N GLY B 175 -12.18 -5.63 4.96
CA GLY B 175 -11.74 -4.69 3.93
C GLY B 175 -12.74 -3.56 3.79
N ALA B 176 -14.02 -3.89 3.96
CA ALA B 176 -15.07 -2.89 4.05
C ALA B 176 -14.81 -1.95 5.22
N MET B 177 -14.39 -2.52 6.35
CA MET B 177 -14.09 -1.77 7.56
C MET B 177 -12.92 -0.79 7.42
N ASP B 178 -11.90 -1.18 6.66
CA ASP B 178 -10.79 -0.27 6.36
C ASP B 178 -11.21 0.94 5.53
N GLN B 179 -12.23 0.77 4.70
CA GLN B 179 -12.72 1.88 3.91
C GLN B 179 -13.37 2.92 4.82
N LEU B 180 -14.04 2.45 5.88
CA LEU B 180 -14.56 3.33 6.92
C LEU B 180 -13.48 4.29 7.42
N THR B 181 -12.31 3.75 7.71
CA THR B 181 -11.20 4.54 8.21
C THR B 181 -10.81 5.63 7.19
N LEU B 182 -10.61 5.24 5.94
CA LEU B 182 -10.12 6.17 4.90
C LEU B 182 -11.04 7.39 4.67
N HIS B 183 -12.33 7.13 4.44
CA HIS B 183 -13.27 8.16 4.05
C HIS B 183 -13.77 9.01 5.23
N PHE B 184 -14.02 8.38 6.37
CA PHE B 184 -14.36 9.14 7.56
C PHE B 184 -13.24 10.00 8.11
N ALA B 185 -11.99 9.60 7.84
CA ALA B 185 -10.86 10.43 8.25
C ALA B 185 -10.87 11.73 7.45
N LYS B 186 -11.12 11.62 6.17
CA LYS B 186 -11.31 12.77 5.32
C LYS B 186 -12.54 13.55 5.78
N HIS B 187 -13.64 12.85 6.00
CA HIS B 187 -14.92 13.50 6.32
C HIS B 187 -14.81 14.29 7.61
N LEU B 188 -14.11 13.72 8.61
CA LEU B 188 -14.10 14.29 9.96
C LEU B 188 -12.90 15.20 10.24
N GLY B 189 -12.15 15.55 9.20
CA GLY B 189 -10.98 16.45 9.33
C GLY B 189 -11.29 17.82 9.94
N SER B 190 -12.35 18.45 9.47
CA SER B 190 -12.72 19.79 9.94
C SER B 190 -13.18 19.80 11.41
N ARG B 191 -13.46 18.62 11.96
N ARG B 191 -13.45 18.61 11.96
CA ARG B 191 -13.82 18.49 13.38
CA ARG B 191 -13.81 18.49 13.37
C ARG B 191 -12.68 17.91 14.22
C ARG B 191 -12.66 18.00 14.23
N ASN B 192 -11.51 17.77 13.61
CA ASN B 192 -10.33 17.32 14.33
C ASN B 192 -10.45 15.96 15.03
N ILE B 193 -11.26 15.08 14.46
CA ILE B 193 -11.37 13.72 14.94
C ILE B 193 -10.47 12.85 14.08
N THR B 194 -9.61 12.05 14.71
CA THR B 194 -8.80 11.09 13.95
C THR B 194 -9.55 9.78 13.80
N VAL B 195 -9.31 9.11 12.66
CA VAL B 195 -9.93 7.83 12.35
C VAL B 195 -8.83 6.91 11.83
N ASN B 196 -8.56 5.83 12.56
CA ASN B 196 -7.49 4.91 12.19
C ASN B 196 -7.92 3.45 12.32
N SER B 197 -7.17 2.58 11.66
CA SER B 197 -7.38 1.13 11.72
C SER B 197 -6.20 0.50 12.42
N VAL B 198 -6.46 -0.55 13.18
CA VAL B 198 -5.42 -1.35 13.81
C VAL B 198 -5.61 -2.79 13.36
N GLY B 199 -4.56 -3.39 12.82
CA GLY B 199 -4.62 -4.76 12.29
C GLY B 199 -3.86 -5.74 13.17
N PRO B 200 -4.58 -6.63 13.86
CA PRO B 200 -3.93 -7.68 14.66
C PRO B 200 -3.31 -8.75 13.77
N GLY B 201 -2.36 -9.51 14.31
CA GLY B 201 -1.99 -10.79 13.75
C GLY B 201 -2.68 -11.88 14.56
N ILE B 202 -2.07 -13.06 14.61
CA ILE B 202 -2.58 -14.12 15.46
C ILE B 202 -2.41 -13.73 16.92
N THR B 203 -3.48 -13.82 17.69
CA THR B 203 -3.45 -13.34 19.05
C THR B 203 -4.06 -14.37 20.00
N ASN B 204 -3.32 -14.67 21.06
CA ASN B 204 -3.76 -15.59 22.10
C ASN B 204 -4.91 -15.01 22.94
N ASN B 205 -6.13 -15.41 22.62
CA ASN B 205 -7.31 -14.89 23.35
C ASN B 205 -7.79 -15.76 24.53
N GLY B 206 -6.94 -16.69 24.96
CA GLY B 206 -7.21 -17.49 26.15
C GLY B 206 -7.81 -18.86 25.90
N THR B 207 -8.25 -19.10 24.66
CA THR B 207 -8.94 -20.35 24.30
C THR B 207 -8.03 -21.59 24.38
N PRO B 208 -8.63 -22.80 24.47
CA PRO B 208 -7.87 -24.07 24.58
C PRO B 208 -6.88 -24.30 23.45
N VAL B 209 -7.16 -23.72 22.28
CA VAL B 209 -6.24 -23.84 21.14
C VAL B 209 -4.81 -23.50 21.56
N PHE B 210 -4.68 -22.47 22.38
CA PHE B 210 -3.38 -21.95 22.81
C PHE B 210 -2.74 -22.74 23.96
N ASP B 211 -3.42 -23.80 24.40
CA ASP B 211 -2.86 -24.70 25.41
C ASP B 211 -1.92 -25.72 24.79
N ASN B 212 -2.13 -26.02 23.51
CA ASN B 212 -1.25 -26.92 22.76
C ASN B 212 0.01 -26.21 22.24
N PRO B 213 1.18 -26.50 22.85
CA PRO B 213 2.47 -25.90 22.47
C PRO B 213 2.88 -26.14 21.01
N GLU B 214 2.59 -27.33 20.47
CA GLU B 214 2.96 -27.64 19.09
C GLU B 214 2.30 -26.72 18.07
N ALA B 215 1.04 -26.37 18.32
CA ALA B 215 0.31 -25.41 17.49
C ALA B 215 0.75 -23.97 17.79
N VAL B 216 0.94 -23.67 19.07
CA VAL B 216 1.49 -22.38 19.51
C VAL B 216 2.77 -22.01 18.74
N ALA B 217 3.66 -22.99 18.57
CA ALA B 217 4.92 -22.78 17.85
C ALA B 217 4.74 -22.45 16.37
N GLN B 218 3.78 -23.11 15.71
CA GLN B 218 3.58 -22.87 14.28
C GLN B 218 2.85 -21.56 14.00
N MET B 219 2.11 -21.07 14.99
CA MET B 219 1.55 -19.73 14.94
C MET B 219 2.65 -18.70 15.23
N ALA B 220 3.52 -19.00 16.19
CA ALA B 220 4.63 -18.13 16.57
C ALA B 220 5.53 -17.78 15.38
N GLY B 221 5.72 -18.76 14.50
CA GLY B 221 6.63 -18.62 13.36
C GLY B 221 6.20 -17.55 12.37
N TYR B 222 4.92 -17.19 12.40
CA TYR B 222 4.40 -16.12 11.56
C TYR B 222 4.89 -14.71 11.99
N SER B 223 5.41 -14.63 13.21
CA SER B 223 5.95 -13.38 13.73
C SER B 223 7.46 -13.39 13.67
N VAL B 224 8.04 -12.26 13.29
CA VAL B 224 9.48 -12.10 13.25
C VAL B 224 10.12 -12.23 14.64
N PHE B 225 9.30 -12.09 15.69
CA PHE B 225 9.79 -12.25 17.06
C PHE B 225 9.70 -13.69 17.56
N ASN B 226 9.13 -14.55 16.73
CA ASN B 226 8.90 -15.97 17.06
C ASN B 226 8.02 -16.19 18.29
N ARG B 227 6.98 -15.37 18.44
CA ARG B 227 5.94 -15.59 19.46
C ARG B 227 4.57 -15.28 18.90
N VAL B 228 3.53 -15.74 19.59
CA VAL B 228 2.17 -15.30 19.28
C VAL B 228 1.89 -13.99 20.00
N GLY B 229 0.98 -13.20 19.46
CA GLY B 229 0.59 -11.95 20.08
C GLY B 229 -0.25 -12.16 21.33
N GLU B 230 -0.13 -11.22 22.27
CA GLU B 230 -1.03 -11.14 23.41
C GLU B 230 -2.07 -10.07 23.15
N VAL B 231 -3.25 -10.23 23.75
CA VAL B 231 -4.34 -9.27 23.59
C VAL B 231 -3.86 -7.88 23.97
N THR B 232 -2.82 -7.86 24.79
CA THR B 232 -2.28 -6.66 25.36
C THR B 232 -1.37 -5.91 24.35
N ASP B 233 -0.81 -6.65 23.39
CA ASP B 233 0.02 -6.05 22.34
C ASP B 233 -0.81 -5.18 21.41
N VAL B 234 -2.06 -5.59 21.20
CA VAL B 234 -3.00 -4.85 20.39
C VAL B 234 -3.63 -3.73 21.20
N ALA B 235 -3.97 -4.02 22.45
CA ALA B 235 -4.64 -3.05 23.31
C ALA B 235 -3.79 -1.80 23.50
N ASP B 236 -2.48 -1.98 23.56
CA ASP B 236 -1.56 -0.88 23.84
C ASP B 236 -1.39 0.07 22.66
N VAL B 237 -1.65 -0.42 21.47
CA VAL B 237 -1.58 0.40 20.27
C VAL B 237 -2.85 1.25 20.19
N VAL B 238 -4.00 0.61 20.43
CA VAL B 238 -5.28 1.32 20.49
C VAL B 238 -5.22 2.49 21.47
N ALA B 239 -4.63 2.25 22.64
CA ALA B 239 -4.54 3.29 23.68
C ALA B 239 -3.72 4.48 23.20
N PHE B 240 -2.63 4.21 22.50
CA PHE B 240 -1.84 5.26 21.88
C PHE B 240 -2.68 6.09 20.89
N LEU B 241 -3.36 5.41 19.96
CA LEU B 241 -4.20 6.13 18.98
C LEU B 241 -5.24 7.01 19.69
N ALA B 242 -5.69 6.53 20.83
CA ALA B 242 -6.79 7.16 21.54
C ALA B 242 -6.35 8.41 22.31
N GLY B 243 -5.04 8.60 22.44
CA GLY B 243 -4.51 9.72 23.21
C GLY B 243 -4.01 10.86 22.36
N ASP B 244 -3.52 11.89 23.04
CA ASP B 244 -3.09 13.13 22.39
C ASP B 244 -1.83 12.95 21.51
N ASP B 245 -0.98 11.97 21.84
CA ASP B 245 0.28 11.75 21.11
C ASP B 245 0.07 11.28 19.67
N ALA B 246 -1.16 10.86 19.36
CA ALA B 246 -1.46 10.38 18.03
C ALA B 246 -2.38 11.34 17.28
N ARG B 247 -2.39 12.60 17.72
CA ARG B 247 -3.24 13.61 17.10
C ARG B 247 -2.91 13.83 15.61
N TRP B 248 -1.67 13.51 15.21
CA TRP B 248 -1.22 13.80 13.86
C TRP B 248 -1.23 12.55 12.97
N ILE B 249 -1.86 11.48 13.46
CA ILE B 249 -2.08 10.28 12.65
C ILE B 249 -3.58 10.08 12.39
N THR B 250 -3.95 10.12 11.12
CA THR B 250 -5.32 9.80 10.73
C THR B 250 -5.43 9.13 9.36
N GLY B 251 -6.50 8.37 9.16
CA GLY B 251 -6.71 7.67 7.90
C GLY B 251 -5.76 6.52 7.65
N SER B 252 -5.00 6.12 8.67
CA SER B 252 -3.95 5.13 8.47
C SER B 252 -4.26 3.79 9.10
N TYR B 253 -3.38 2.82 8.87
CA TYR B 253 -3.53 1.45 9.31
C TYR B 253 -2.29 1.10 10.15
N LEU B 254 -2.49 0.78 11.43
CA LEU B 254 -1.38 0.36 12.29
C LEU B 254 -1.22 -1.15 12.31
N ASP B 255 0.01 -1.59 12.08
CA ASP B 255 0.29 -3.01 11.92
C ASP B 255 0.72 -3.61 13.25
N ALA B 256 -0.27 -3.93 14.08
CA ALA B 256 -0.03 -4.50 15.42
C ALA B 256 -0.06 -6.02 15.38
N SER B 257 0.86 -6.60 14.61
CA SER B 257 0.89 -8.04 14.38
C SER B 257 2.26 -8.68 14.62
N GLY B 258 3.19 -7.92 15.21
CA GLY B 258 4.55 -8.40 15.42
C GLY B 258 5.26 -8.81 14.14
N GLY B 259 5.14 -7.97 13.12
CA GLY B 259 5.86 -8.17 11.86
C GLY B 259 5.43 -9.39 11.06
N THR B 260 4.16 -9.72 11.13
CA THR B 260 3.61 -10.87 10.39
C THR B 260 3.60 -10.63 8.87
N LEU B 261 3.47 -9.36 8.48
CA LEU B 261 3.31 -9.01 7.06
C LEU B 261 4.63 -8.95 6.29
N LEU B 262 5.73 -9.33 6.94
CA LEU B 262 7.05 -9.26 6.32
C LEU B 262 7.32 -10.45 5.37
N GLY B 263 6.83 -11.63 5.75
CA GLY B 263 6.93 -12.82 4.90
C GLY B 263 8.28 -13.51 5.05
N GLY C 12 -7.32 -12.26 -33.64
CA GLY C 12 -8.16 -12.59 -32.45
C GLY C 12 -7.46 -13.50 -31.46
N LYS C 13 -6.81 -12.90 -30.47
CA LYS C 13 -6.08 -13.65 -29.46
C LYS C 13 -6.99 -14.39 -28.46
N LEU C 14 -8.27 -14.00 -28.41
CA LEU C 14 -9.25 -14.65 -27.54
C LEU C 14 -10.28 -15.45 -28.34
N THR C 15 -9.87 -15.99 -29.49
CA THR C 15 -10.77 -16.72 -30.38
C THR C 15 -11.14 -18.09 -29.81
N GLY C 16 -12.43 -18.41 -29.84
CA GLY C 16 -12.93 -19.67 -29.27
C GLY C 16 -12.94 -19.67 -27.76
N LYS C 17 -12.88 -18.48 -27.17
CA LYS C 17 -13.01 -18.28 -25.73
C LYS C 17 -14.38 -17.66 -25.43
N THR C 18 -14.88 -17.88 -24.22
CA THR C 18 -16.14 -17.26 -23.79
C THR C 18 -15.93 -16.30 -22.63
N ALA C 19 -16.76 -15.27 -22.57
CA ALA C 19 -16.64 -14.23 -21.56
C ALA C 19 -18.01 -13.75 -21.10
N LEU C 20 -18.15 -13.51 -19.79
CA LEU C 20 -19.32 -12.80 -19.27
C LEU C 20 -18.91 -11.49 -18.63
N VAL C 21 -19.54 -10.40 -19.06
CA VAL C 21 -19.36 -9.10 -18.41
C VAL C 21 -20.69 -8.58 -17.84
N THR C 22 -20.80 -8.53 -16.52
CA THR C 22 -22.00 -8.00 -15.87
C THR C 22 -22.10 -6.48 -16.02
N GLY C 23 -23.33 -5.95 -16.02
CA GLY C 23 -23.59 -4.52 -16.20
C GLY C 23 -22.95 -4.02 -17.48
N SER C 24 -23.36 -4.60 -18.59
CA SER C 24 -22.57 -4.57 -19.80
C SER C 24 -23.22 -3.80 -20.94
N SER C 25 -24.36 -3.17 -20.64
CA SER C 25 -25.13 -2.48 -21.68
C SER C 25 -24.66 -1.03 -21.90
N ARG C 26 -23.79 -0.56 -21.01
CA ARG C 26 -23.35 0.84 -21.04
C ARG C 26 -21.98 0.96 -20.39
N GLY C 27 -21.40 2.17 -20.45
CA GLY C 27 -20.21 2.54 -19.69
C GLY C 27 -19.00 1.65 -19.92
N ILE C 28 -18.29 1.34 -18.83
CA ILE C 28 -17.08 0.52 -18.90
C ILE C 28 -17.41 -0.91 -19.37
N GLY C 29 -18.51 -1.44 -18.85
CA GLY C 29 -18.99 -2.78 -19.26
C GLY C 29 -19.14 -2.92 -20.76
N ARG C 30 -19.94 -2.02 -21.35
CA ARG C 30 -20.13 -1.94 -22.79
C ARG C 30 -18.79 -2.02 -23.52
N ALA C 31 -17.92 -1.06 -23.23
CA ALA C 31 -16.60 -0.97 -23.86
C ALA C 31 -15.78 -2.24 -23.66
N THR C 32 -15.95 -2.86 -22.50
CA THR C 32 -15.22 -4.07 -22.17
C THR C 32 -15.68 -5.25 -23.02
N ALA C 33 -17.00 -5.42 -23.11
CA ALA C 33 -17.57 -6.46 -23.97
C ALA C 33 -17.10 -6.27 -25.41
N ILE C 34 -17.30 -5.06 -25.94
CA ILE C 34 -16.88 -4.69 -27.30
C ILE C 34 -15.42 -5.02 -27.56
N ARG C 35 -14.54 -4.62 -26.64
CA ARG C 35 -13.12 -4.91 -26.77
C ARG C 35 -12.85 -6.41 -26.76
N LEU C 36 -13.44 -7.13 -25.80
CA LEU C 36 -13.21 -8.58 -25.69
C LEU C 36 -13.73 -9.33 -26.92
N ALA C 37 -14.86 -8.86 -27.45
CA ALA C 37 -15.42 -9.41 -28.68
C ALA C 37 -14.44 -9.18 -29.82
N ARG C 38 -14.00 -7.92 -29.98
CA ARG C 38 -13.02 -7.55 -31.00
C ARG C 38 -11.78 -8.46 -30.99
N GLU C 39 -11.48 -9.05 -29.83
CA GLU C 39 -10.35 -9.98 -29.70
C GLU C 39 -10.72 -11.43 -30.03
N GLY C 40 -11.96 -11.63 -30.50
CA GLY C 40 -12.41 -12.94 -30.98
C GLY C 40 -13.23 -13.76 -30.00
N ALA C 41 -13.53 -13.22 -28.83
CA ALA C 41 -14.29 -13.96 -27.83
C ALA C 41 -15.80 -13.79 -27.99
N LEU C 42 -16.52 -14.87 -27.74
CA LEU C 42 -17.97 -14.81 -27.65
C LEU C 42 -18.36 -14.19 -26.30
N VAL C 43 -19.13 -13.12 -26.34
CA VAL C 43 -19.36 -12.33 -25.14
C VAL C 43 -20.84 -12.35 -24.71
N ALA C 44 -21.09 -12.83 -23.50
CA ALA C 44 -22.40 -12.70 -22.89
C ALA C 44 -22.55 -11.31 -22.29
N VAL C 45 -23.46 -10.51 -22.85
CA VAL C 45 -23.69 -9.12 -22.46
C VAL C 45 -24.82 -9.09 -21.44
N HIS C 46 -24.48 -8.91 -20.17
CA HIS C 46 -25.49 -8.96 -19.11
C HIS C 46 -26.07 -7.60 -18.76
N CYS C 47 -27.36 -7.57 -18.50
CA CYS C 47 -28.03 -6.36 -18.04
C CYS C 47 -29.08 -6.71 -16.99
N SER C 48 -29.38 -5.74 -16.12
CA SER C 48 -30.37 -5.92 -15.07
C SER C 48 -31.81 -5.75 -15.58
N ARG C 49 -32.01 -4.76 -16.46
CA ARG C 49 -33.37 -4.33 -16.84
C ARG C 49 -33.63 -4.28 -18.36
N ASN C 50 -33.09 -3.25 -19.02
CA ASN C 50 -33.39 -3.00 -20.45
C ASN C 50 -32.84 -4.07 -21.38
N ARG C 51 -33.72 -4.93 -21.89
CA ARG C 51 -33.35 -5.91 -22.91
C ARG C 51 -32.83 -5.22 -24.17
N GLU C 52 -33.37 -4.03 -24.45
CA GLU C 52 -33.05 -3.31 -25.69
C GLU C 52 -31.63 -2.76 -25.69
N ALA C 53 -31.25 -2.11 -24.59
CA ALA C 53 -29.90 -1.53 -24.46
C ALA C 53 -28.81 -2.60 -24.55
N ALA C 54 -29.06 -3.75 -23.93
CA ALA C 54 -28.12 -4.86 -24.00
C ALA C 54 -28.03 -5.42 -25.42
N ASP C 55 -29.13 -5.34 -26.16
CA ASP C 55 -29.17 -5.78 -27.55
C ASP C 55 -28.51 -4.80 -28.51
N GLU C 56 -28.52 -3.51 -28.15
CA GLU C 56 -27.82 -2.49 -28.93
C GLU C 56 -26.31 -2.75 -28.91
N THR C 57 -25.81 -3.24 -27.78
CA THR C 57 -24.41 -3.62 -27.64
C THR C 57 -24.12 -4.87 -28.48
N VAL C 58 -24.91 -5.92 -28.26
CA VAL C 58 -24.81 -7.14 -29.08
C VAL C 58 -24.80 -6.79 -30.57
N ALA C 59 -25.74 -5.93 -30.97
CA ALA C 59 -25.78 -5.42 -32.35
C ALA C 59 -24.43 -4.87 -32.76
N THR C 60 -23.93 -3.89 -32.00
CA THR C 60 -22.66 -3.22 -32.28
C THR C 60 -21.53 -4.24 -32.47
N ILE C 61 -21.47 -5.24 -31.61
CA ILE C 61 -20.42 -6.25 -31.68
C ILE C 61 -20.47 -7.05 -32.98
N GLU C 62 -21.68 -7.46 -33.38
CA GLU C 62 -21.87 -8.28 -34.59
C GLU C 62 -21.51 -7.55 -35.87
N LYS C 63 -21.65 -6.22 -35.87
CA LYS C 63 -21.29 -5.39 -37.01
C LYS C 63 -19.78 -5.28 -37.21
N GLU C 64 -19.01 -5.80 -36.25
CA GLU C 64 -17.56 -5.82 -36.34
C GLU C 64 -17.08 -7.21 -36.70
N GLY C 65 -18.04 -8.10 -36.96
CA GLY C 65 -17.73 -9.50 -37.20
C GLY C 65 -17.41 -10.23 -35.90
N GLY C 66 -18.15 -9.88 -34.85
CA GLY C 66 -17.98 -10.50 -33.53
C GLY C 66 -19.17 -11.33 -33.11
N ARG C 67 -18.99 -12.11 -32.05
CA ARG C 67 -20.05 -12.99 -31.55
C ARG C 67 -20.46 -12.62 -30.12
N ALA C 68 -21.77 -12.41 -29.93
CA ALA C 68 -22.30 -11.92 -28.65
C ALA C 68 -23.78 -12.25 -28.48
N PHE C 69 -24.21 -12.37 -27.22
CA PHE C 69 -25.63 -12.51 -26.91
C PHE C 69 -26.02 -11.83 -25.59
N SER C 70 -27.20 -11.21 -25.59
CA SER C 70 -27.72 -10.54 -24.40
C SER C 70 -28.15 -11.54 -23.33
N VAL C 71 -28.11 -11.08 -22.08
CA VAL C 71 -28.54 -11.87 -20.92
C VAL C 71 -29.20 -10.90 -19.93
N LEU C 72 -30.39 -11.25 -19.47
CA LEU C 72 -31.10 -10.43 -18.50
C LEU C 72 -31.13 -11.07 -17.11
N ALA C 73 -30.80 -10.29 -16.08
CA ALA C 73 -30.83 -10.75 -14.69
C ALA C 73 -30.63 -9.58 -13.71
N GLU C 74 -31.69 -9.19 -13.03
CA GLU C 74 -31.61 -8.09 -12.07
C GLU C 74 -30.79 -8.55 -10.89
N LEU C 75 -29.67 -7.87 -10.66
CA LEU C 75 -28.79 -8.24 -9.56
C LEU C 75 -29.20 -7.59 -8.24
N GLY C 76 -28.90 -8.26 -7.13
CA GLY C 76 -29.17 -7.72 -5.80
C GLY C 76 -30.47 -8.19 -5.18
N VAL C 77 -31.17 -9.10 -5.85
CA VAL C 77 -32.44 -9.63 -5.36
C VAL C 77 -32.33 -11.16 -5.18
N PRO C 78 -33.23 -11.76 -4.37
CA PRO C 78 -33.26 -13.23 -4.27
C PRO C 78 -33.31 -13.91 -5.64
N GLY C 79 -32.45 -14.91 -5.82
CA GLY C 79 -32.38 -15.66 -7.08
C GLY C 79 -31.67 -14.96 -8.23
N ASP C 80 -30.95 -13.88 -7.94
CA ASP C 80 -30.23 -13.14 -8.99
C ASP C 80 -29.25 -14.02 -9.74
N VAL C 81 -28.42 -14.72 -8.97
CA VAL C 81 -27.41 -15.63 -9.52
C VAL C 81 -28.07 -16.72 -10.35
N HIS C 82 -29.17 -17.25 -9.83
CA HIS C 82 -29.88 -18.31 -10.53
C HIS C 82 -30.32 -17.87 -11.92
N GLU C 83 -31.07 -16.79 -11.99
CA GLU C 83 -31.56 -16.27 -13.27
CA GLU C 83 -31.57 -16.28 -13.26
C GLU C 83 -30.41 -16.05 -14.24
N LEU C 84 -29.32 -15.45 -13.74
CA LEU C 84 -28.16 -15.13 -14.59
C LEU C 84 -27.53 -16.39 -15.17
N PHE C 85 -27.13 -17.33 -14.31
CA PHE C 85 -26.51 -18.57 -14.80
C PHE C 85 -27.45 -19.49 -15.59
N LEU C 86 -28.75 -19.36 -15.35
CA LEU C 86 -29.74 -20.01 -16.20
C LEU C 86 -29.59 -19.53 -17.64
N ALA C 87 -29.71 -18.23 -17.84
CA ALA C 87 -29.57 -17.62 -19.17
C ALA C 87 -28.19 -17.84 -19.81
N LEU C 88 -27.14 -17.75 -19.00
CA LEU C 88 -25.78 -17.89 -19.49
C LEU C 88 -25.53 -19.31 -20.00
N GLU C 89 -25.81 -20.30 -19.17
CA GLU C 89 -25.58 -21.69 -19.54
C GLU C 89 -26.34 -22.05 -20.82
N ARG C 90 -27.55 -21.53 -20.95
CA ARG C 90 -28.39 -21.73 -22.12
C ARG C 90 -27.76 -21.15 -23.37
N GLY C 91 -27.42 -19.85 -23.32
CA GLY C 91 -26.84 -19.15 -24.45
C GLY C 91 -25.52 -19.74 -24.92
N LEU C 92 -24.73 -20.25 -23.99
CA LEU C 92 -23.44 -20.86 -24.33
C LEU C 92 -23.59 -22.24 -24.97
N LYS C 93 -24.50 -23.07 -24.44
CA LYS C 93 -24.76 -24.38 -25.03
C LYS C 93 -25.24 -24.23 -26.47
N GLU C 94 -26.21 -23.35 -26.67
CA GLU C 94 -26.79 -23.13 -27.98
C GLU C 94 -25.76 -22.74 -29.03
N ARG C 95 -24.62 -22.21 -28.60
CA ARG C 95 -23.68 -21.59 -29.53
C ARG C 95 -22.35 -22.31 -29.65
N THR C 96 -22.03 -23.14 -28.67
CA THR C 96 -20.71 -23.74 -28.59
C THR C 96 -20.79 -25.22 -28.25
N ASP C 97 -21.98 -25.69 -27.89
CA ASP C 97 -22.20 -27.08 -27.43
C ASP C 97 -21.59 -27.35 -26.08
N ALA C 98 -20.96 -26.34 -25.49
CA ALA C 98 -20.45 -26.43 -24.12
C ALA C 98 -20.91 -25.21 -23.33
N THR C 99 -20.72 -25.27 -22.01
CA THR C 99 -21.04 -24.15 -21.15
C THR C 99 -19.77 -23.59 -20.48
N THR C 100 -18.61 -23.87 -21.09
CA THR C 100 -17.33 -23.36 -20.61
C THR C 100 -17.38 -21.84 -20.55
N LEU C 101 -16.91 -21.28 -19.43
CA LEU C 101 -16.75 -19.82 -19.29
C LEU C 101 -15.30 -19.49 -19.01
N ASP C 102 -14.59 -18.98 -20.02
CA ASP C 102 -13.17 -18.69 -19.88
C ASP C 102 -12.94 -17.43 -19.03
N ILE C 103 -13.71 -16.38 -19.31
CA ILE C 103 -13.50 -15.06 -18.70
C ILE C 103 -14.75 -14.59 -17.94
N LEU C 104 -14.56 -14.23 -16.68
CA LEU C 104 -15.60 -13.61 -15.89
C LEU C 104 -15.17 -12.19 -15.54
N VAL C 105 -16.01 -11.23 -15.90
CA VAL C 105 -15.78 -9.86 -15.51
C VAL C 105 -16.91 -9.35 -14.61
N ASN C 106 -16.59 -9.17 -13.33
CA ASN C 106 -17.54 -8.56 -12.38
C ASN C 106 -17.47 -7.04 -12.50
N ASN C 107 -18.30 -6.49 -13.38
CA ASN C 107 -18.30 -5.06 -13.67
C ASN C 107 -19.46 -4.28 -13.04
N ALA C 108 -20.63 -4.92 -12.94
CA ALA C 108 -21.83 -4.26 -12.40
C ALA C 108 -21.64 -3.67 -11.01
N GLY C 109 -22.19 -2.49 -10.79
CA GLY C 109 -22.17 -1.86 -9.49
C GLY C 109 -22.95 -0.57 -9.53
N VAL C 110 -23.48 -0.16 -8.38
CA VAL C 110 -24.20 1.10 -8.25
C VAL C 110 -23.62 1.94 -7.13
N MET C 111 -23.74 3.26 -7.27
CA MET C 111 -23.26 4.19 -6.26
C MET C 111 -24.40 4.74 -5.42
N GLY C 112 -24.05 5.42 -4.33
CA GLY C 112 -25.03 5.91 -3.37
C GLY C 112 -25.43 7.34 -3.64
N GLY C 113 -24.43 8.21 -3.80
CA GLY C 113 -24.68 9.62 -4.13
C GLY C 113 -25.33 10.42 -3.02
N VAL C 114 -25.11 10.04 -1.76
CA VAL C 114 -25.58 10.83 -0.62
C VAL C 114 -24.40 11.02 0.34
N ALA C 115 -24.52 12.00 1.24
CA ALA C 115 -23.51 12.27 2.25
C ALA C 115 -23.53 11.15 3.31
N PRO C 116 -22.46 11.03 4.13
CA PRO C 116 -22.40 9.91 5.08
C PRO C 116 -23.60 9.87 6.06
N GLU C 117 -24.00 11.02 6.55
CA GLU C 117 -25.05 11.11 7.55
C GLU C 117 -26.42 10.79 6.93
N GLU C 118 -26.48 10.85 5.60
CA GLU C 118 -27.74 10.61 4.89
C GLU C 118 -27.95 9.16 4.47
N VAL C 119 -26.94 8.29 4.65
CA VAL C 119 -27.07 6.87 4.31
C VAL C 119 -28.06 6.14 5.22
N THR C 120 -29.02 5.44 4.62
CA THR C 120 -29.97 4.64 5.39
C THR C 120 -29.61 3.18 5.31
N PRO C 121 -30.13 2.37 6.26
CA PRO C 121 -29.99 0.90 6.19
C PRO C 121 -30.37 0.29 4.82
N GLU C 122 -31.44 0.79 4.22
CA GLU C 122 -31.91 0.27 2.94
C GLU C 122 -30.90 0.52 1.81
N LEU C 123 -30.31 1.71 1.79
CA LEU C 123 -29.26 2.01 0.82
C LEU C 123 -28.05 1.09 1.02
N PHE C 124 -27.59 0.99 2.26
CA PHE C 124 -26.44 0.17 2.59
C PHE C 124 -26.65 -1.28 2.10
N ASP C 125 -27.77 -1.88 2.50
CA ASP C 125 -28.13 -3.23 2.08
C ASP C 125 -28.12 -3.37 0.57
N ARG C 126 -28.62 -2.35 -0.11
CA ARG C 126 -28.72 -2.36 -1.55
C ARG C 126 -27.32 -2.27 -2.21
N LEU C 127 -26.43 -1.48 -1.61
CA LEU C 127 -25.07 -1.34 -2.16
C LEU C 127 -24.31 -2.65 -1.97
N VAL C 128 -24.45 -3.25 -0.79
CA VAL C 128 -23.83 -4.53 -0.49
C VAL C 128 -24.33 -5.61 -1.44
N ALA C 129 -25.64 -5.65 -1.65
CA ALA C 129 -26.29 -6.71 -2.44
C ALA C 129 -25.84 -6.70 -3.90
N VAL C 130 -25.77 -5.51 -4.50
CA VAL C 130 -25.33 -5.36 -5.89
C VAL C 130 -23.79 -5.40 -6.06
N ASN C 131 -23.07 -4.71 -5.17
CA ASN C 131 -21.63 -4.48 -5.39
C ASN C 131 -20.69 -5.55 -4.82
N ALA C 132 -21.14 -6.25 -3.79
CA ALA C 132 -20.27 -7.18 -3.06
C ALA C 132 -20.87 -8.58 -3.01
N LYS C 133 -22.14 -8.68 -2.60
CA LYS C 133 -22.80 -9.99 -2.46
C LYS C 133 -22.93 -10.71 -3.80
N ALA C 134 -23.53 -10.03 -4.76
CA ALA C 134 -23.70 -10.59 -6.08
C ALA C 134 -22.37 -11.07 -6.68
N PRO C 135 -21.31 -10.23 -6.61
CA PRO C 135 -20.07 -10.70 -7.22
C PRO C 135 -19.49 -11.93 -6.53
N PHE C 136 -19.61 -12.00 -5.21
CA PHE C 136 -19.13 -13.17 -4.50
C PHE C 136 -19.82 -14.44 -5.01
N PHE C 137 -21.15 -14.40 -5.08
CA PHE C 137 -21.91 -15.59 -5.44
C PHE C 137 -21.87 -15.91 -6.91
N ILE C 138 -21.57 -14.91 -7.73
CA ILE C 138 -21.36 -15.09 -9.17
C ILE C 138 -20.00 -15.76 -9.41
N VAL C 139 -19.03 -15.41 -8.59
CA VAL C 139 -17.73 -16.11 -8.60
C VAL C 139 -17.91 -17.55 -8.13
N GLN C 140 -18.51 -17.73 -6.96
CA GLN C 140 -18.78 -19.07 -6.41
C GLN C 140 -19.47 -19.98 -7.44
N ARG C 141 -20.49 -19.47 -8.12
CA ARG C 141 -21.18 -20.27 -9.14
C ARG C 141 -20.35 -20.49 -10.39
N ALA C 142 -19.58 -19.48 -10.79
CA ALA C 142 -18.81 -19.57 -12.03
C ALA C 142 -17.66 -20.59 -11.94
N LEU C 143 -17.22 -20.89 -10.72
CA LEU C 143 -16.11 -21.85 -10.53
C LEU C 143 -16.34 -23.18 -11.24
N THR C 144 -17.60 -23.60 -11.34
CA THR C 144 -17.93 -24.87 -11.96
C THR C 144 -17.95 -24.79 -13.49
N LEU C 145 -17.80 -23.59 -14.03
CA LEU C 145 -17.80 -23.38 -15.50
C LEU C 145 -16.48 -22.85 -16.03
N ILE C 146 -15.66 -22.30 -15.15
CA ILE C 146 -14.35 -21.77 -15.54
C ILE C 146 -13.34 -22.91 -15.58
N PRO C 147 -12.68 -23.11 -16.73
CA PRO C 147 -11.64 -24.14 -16.86
C PRO C 147 -10.37 -23.75 -16.12
N ASP C 148 -9.51 -24.73 -15.84
CA ASP C 148 -8.14 -24.44 -15.46
C ASP C 148 -7.55 -23.47 -16.48
N GLY C 149 -6.84 -22.44 -16.01
CA GLY C 149 -6.27 -21.42 -16.92
C GLY C 149 -7.24 -20.29 -17.27
N GLY C 150 -8.37 -20.24 -16.57
CA GLY C 150 -9.38 -19.21 -16.80
C GLY C 150 -9.07 -17.86 -16.18
N ARG C 151 -10.03 -16.94 -16.25
CA ARG C 151 -9.78 -15.55 -15.88
C ARG C 151 -10.90 -14.97 -15.05
N ILE C 152 -10.54 -14.36 -13.92
CA ILE C 152 -11.51 -13.58 -13.14
C ILE C 152 -11.03 -12.15 -12.92
N ILE C 153 -11.81 -11.19 -13.41
CA ILE C 153 -11.46 -9.79 -13.31
C ILE C 153 -12.56 -8.99 -12.59
N ASN C 154 -12.21 -8.42 -11.45
CA ASN C 154 -13.14 -7.64 -10.68
C ASN C 154 -12.90 -6.16 -10.89
N ILE C 155 -13.92 -5.45 -11.35
CA ILE C 155 -13.80 -4.01 -11.51
C ILE C 155 -14.06 -3.33 -10.17
N SER C 156 -13.01 -2.71 -9.64
CA SER C 156 -13.05 -2.08 -8.33
C SER C 156 -13.38 -0.60 -8.51
N SER C 157 -12.67 0.26 -7.78
CA SER C 157 -12.86 1.70 -7.90
C SER C 157 -11.68 2.40 -7.28
N GLY C 158 -11.28 3.52 -7.88
CA GLY C 158 -10.17 4.34 -7.37
C GLY C 158 -10.49 4.93 -6.00
N LEU C 159 -11.78 4.99 -5.68
CA LEU C 159 -12.24 5.42 -4.36
C LEU C 159 -11.86 4.47 -3.23
N THR C 160 -11.21 3.36 -3.56
CA THR C 160 -10.71 2.47 -2.54
C THR C 160 -9.36 2.96 -2.07
N ARG C 161 -8.80 3.93 -2.82
CA ARG C 161 -7.46 4.46 -2.56
C ARG C 161 -7.47 5.98 -2.42
N PHE C 162 -8.61 6.58 -2.70
CA PHE C 162 -8.74 8.03 -2.74
C PHE C 162 -9.98 8.38 -1.91
N ALA C 163 -9.78 9.07 -0.79
CA ALA C 163 -10.89 9.48 0.09
C ALA C 163 -11.96 10.35 -0.60
N ASN C 164 -13.20 9.94 -0.45
CA ASN C 164 -14.35 10.73 -0.85
C ASN C 164 -15.55 10.30 0.00
N PRO C 165 -15.82 11.04 1.08
CA PRO C 165 -16.91 10.70 2.02
C PRO C 165 -18.28 10.55 1.34
N GLN C 166 -18.50 11.31 0.27
CA GLN C 166 -19.76 11.29 -0.48
C GLN C 166 -20.10 9.88 -1.03
N GLU C 167 -19.12 8.98 -1.04
CA GLU C 167 -19.36 7.62 -1.50
C GLU C 167 -18.79 6.56 -0.55
N VAL C 168 -18.74 6.88 0.74
CA VAL C 168 -18.12 5.97 1.71
C VAL C 168 -18.71 4.55 1.69
N ALA C 169 -20.06 4.45 1.68
CA ALA C 169 -20.68 3.12 1.72
C ALA C 169 -20.35 2.33 0.45
N TYR C 170 -20.37 3.03 -0.68
CA TYR C 170 -20.00 2.45 -1.95
C TYR C 170 -18.57 1.92 -1.93
N ALA C 171 -17.64 2.74 -1.43
CA ALA C 171 -16.25 2.35 -1.32
C ALA C 171 -16.09 1.11 -0.45
N MET C 172 -16.80 1.07 0.68
CA MET C 172 -16.79 -0.10 1.55
C MET C 172 -17.10 -1.40 0.81
N THR C 173 -18.09 -1.36 -0.07
CA THR C 173 -18.49 -2.53 -0.82
C THR C 173 -17.43 -2.90 -1.85
N LYS C 174 -16.77 -1.88 -2.40
CA LYS C 174 -15.66 -2.11 -3.34
C LYS C 174 -14.39 -2.64 -2.66
N GLY C 175 -14.09 -2.16 -1.44
CA GLY C 175 -12.99 -2.69 -0.64
C GLY C 175 -13.25 -4.15 -0.33
N ALA C 176 -14.51 -4.47 -0.05
CA ALA C 176 -14.92 -5.87 0.10
C ALA C 176 -14.64 -6.68 -1.17
N MET C 177 -14.93 -6.09 -2.33
CA MET C 177 -14.66 -6.71 -3.63
C MET C 177 -13.18 -7.05 -3.83
N ASP C 178 -12.30 -6.12 -3.48
CA ASP C 178 -10.86 -6.33 -3.65
C ASP C 178 -10.31 -7.43 -2.76
N GLN C 179 -10.93 -7.61 -1.61
CA GLN C 179 -10.57 -8.69 -0.72
C GLN C 179 -10.93 -10.03 -1.31
N LEU C 180 -12.08 -10.08 -2.01
CA LEU C 180 -12.45 -11.20 -2.87
C LEU C 180 -11.29 -11.57 -3.80
N THR C 181 -10.81 -10.59 -4.57
CA THR C 181 -9.62 -10.76 -5.40
C THR C 181 -8.46 -11.43 -4.65
N LEU C 182 -8.06 -10.86 -3.52
CA LEU C 182 -6.93 -11.37 -2.76
C LEU C 182 -7.10 -12.86 -2.45
N HIS C 183 -8.23 -13.21 -1.86
CA HIS C 183 -8.41 -14.55 -1.30
C HIS C 183 -8.75 -15.63 -2.32
N PHE C 184 -9.63 -15.31 -3.28
CA PHE C 184 -9.86 -16.22 -4.39
C PHE C 184 -8.61 -16.47 -5.26
N ALA C 185 -7.71 -15.49 -5.34
CA ALA C 185 -6.47 -15.69 -6.11
C ALA C 185 -5.62 -16.79 -5.50
N LYS C 186 -5.52 -16.77 -4.16
CA LYS C 186 -4.81 -17.82 -3.43
C LYS C 186 -5.52 -19.16 -3.60
N HIS C 187 -6.85 -19.13 -3.50
CA HIS C 187 -7.67 -20.33 -3.55
C HIS C 187 -7.64 -21.03 -4.90
N LEU C 188 -7.40 -20.29 -5.98
CA LEU C 188 -7.51 -20.84 -7.33
C LEU C 188 -6.15 -20.94 -8.03
N GLY C 189 -5.08 -20.77 -7.25
CA GLY C 189 -3.71 -20.86 -7.75
C GLY C 189 -3.39 -22.23 -8.34
N SER C 190 -3.79 -23.28 -7.63
CA SER C 190 -3.56 -24.65 -8.10
C SER C 190 -4.39 -24.99 -9.36
N ARG C 191 -5.40 -24.18 -9.67
CA ARG C 191 -6.19 -24.40 -10.88
C ARG C 191 -5.79 -23.45 -12.03
N ASN C 192 -4.76 -22.64 -11.78
CA ASN C 192 -4.26 -21.70 -12.79
C ASN C 192 -5.24 -20.63 -13.30
N ILE C 193 -6.15 -20.21 -12.44
CA ILE C 193 -7.04 -19.12 -12.77
C ILE C 193 -6.49 -17.86 -12.09
N THR C 194 -6.26 -16.81 -12.87
CA THR C 194 -5.82 -15.54 -12.30
C THR C 194 -7.05 -14.80 -11.80
N VAL C 195 -6.90 -14.11 -10.67
CA VAL C 195 -7.95 -13.25 -10.15
C VAL C 195 -7.32 -11.88 -9.91
N ASN C 196 -7.89 -10.85 -10.52
CA ASN C 196 -7.32 -9.50 -10.43
C ASN C 196 -8.40 -8.43 -10.42
N SER C 197 -8.09 -7.30 -9.78
CA SER C 197 -8.95 -6.13 -9.81
C SER C 197 -8.37 -5.07 -10.72
N VAL C 198 -9.26 -4.35 -11.39
CA VAL C 198 -8.93 -3.15 -12.15
C VAL C 198 -9.66 -1.99 -11.47
N GLY C 199 -8.91 -0.97 -11.08
CA GLY C 199 -9.51 0.19 -10.43
C GLY C 199 -9.61 1.40 -11.35
N PRO C 200 -10.84 1.71 -11.84
CA PRO C 200 -10.97 2.88 -12.70
C PRO C 200 -10.86 4.18 -11.90
N GLY C 201 -10.43 5.25 -12.57
CA GLY C 201 -10.55 6.59 -12.00
C GLY C 201 -11.86 7.18 -12.44
N ILE C 202 -11.99 8.49 -12.37
CA ILE C 202 -13.19 9.14 -12.91
C ILE C 202 -13.31 8.85 -14.41
N THR C 203 -14.40 8.18 -14.77
CA THR C 203 -14.61 7.77 -16.15
C THR C 203 -15.89 8.38 -16.73
N ASN C 204 -15.77 8.96 -17.91
CA ASN C 204 -16.91 9.57 -18.59
C ASN C 204 -17.86 8.50 -19.13
N ASN C 205 -18.91 8.20 -18.36
CA ASN C 205 -19.92 7.25 -18.79
C ASN C 205 -21.04 7.90 -19.62
N GLY C 206 -21.60 8.99 -19.11
CA GLY C 206 -22.66 9.72 -19.79
C GLY C 206 -23.65 10.37 -18.86
N THR C 207 -23.36 10.33 -17.56
CA THR C 207 -24.21 10.96 -16.54
C THR C 207 -24.30 12.49 -16.73
N PRO C 208 -25.25 13.15 -16.04
CA PRO C 208 -25.50 14.59 -16.21
C PRO C 208 -24.37 15.51 -15.75
N VAL C 209 -23.42 14.97 -14.98
CA VAL C 209 -22.28 15.75 -14.50
C VAL C 209 -21.27 15.95 -15.64
N PHE C 210 -21.20 14.99 -16.55
CA PHE C 210 -20.31 15.08 -17.71
C PHE C 210 -20.89 15.93 -18.85
N ASP C 211 -22.20 16.18 -18.79
CA ASP C 211 -22.85 17.14 -19.69
C ASP C 211 -22.35 18.55 -19.35
N ASN C 212 -21.89 18.71 -18.11
CA ASN C 212 -21.48 19.99 -17.56
C ASN C 212 -19.97 20.21 -17.62
N PRO C 213 -19.50 21.10 -18.53
CA PRO C 213 -18.11 21.57 -18.45
C PRO C 213 -17.92 22.43 -17.20
N GLU C 214 -16.67 22.63 -16.79
CA GLU C 214 -16.35 23.21 -15.48
C GLU C 214 -16.38 22.12 -14.41
N ALA C 215 -17.42 21.29 -14.46
CA ALA C 215 -17.45 20.04 -13.72
C ALA C 215 -16.47 19.06 -14.37
N VAL C 216 -16.53 18.95 -15.69
CA VAL C 216 -15.58 18.15 -16.46
C VAL C 216 -14.15 18.66 -16.27
N ALA C 217 -14.01 19.98 -16.25
CA ALA C 217 -12.71 20.62 -16.04
C ALA C 217 -12.14 20.28 -14.67
N GLN C 218 -13.00 20.28 -13.65
CA GLN C 218 -12.61 19.93 -12.30
C GLN C 218 -12.10 18.48 -12.19
N MET C 219 -12.86 17.56 -12.77
CA MET C 219 -12.53 16.13 -12.69
C MET C 219 -11.27 15.78 -13.48
N ALA C 220 -11.07 16.44 -14.62
CA ALA C 220 -9.87 16.26 -15.44
C ALA C 220 -8.58 16.46 -14.62
N GLY C 221 -8.61 17.44 -13.74
CA GLY C 221 -7.43 17.82 -12.96
C GLY C 221 -6.94 16.76 -12.00
N TYR C 222 -7.81 15.81 -11.66
CA TYR C 222 -7.41 14.69 -10.79
C TYR C 222 -6.38 13.80 -11.46
N SER C 223 -6.46 13.68 -12.78
CA SER C 223 -5.49 12.91 -13.53
C SER C 223 -4.24 13.73 -13.82
N VAL C 224 -3.10 13.05 -13.84
CA VAL C 224 -1.83 13.69 -14.14
C VAL C 224 -1.73 14.04 -15.64
N PHE C 225 -2.56 13.41 -16.46
CA PHE C 225 -2.63 13.72 -17.88
C PHE C 225 -3.62 14.85 -18.18
N ASN C 226 -4.30 15.34 -17.15
CA ASN C 226 -5.25 16.45 -17.27
C ASN C 226 -6.46 16.16 -18.17
N ARG C 227 -6.99 14.94 -18.08
CA ARG C 227 -8.23 14.58 -18.76
C ARG C 227 -9.03 13.59 -17.93
N VAL C 228 -10.35 13.52 -18.17
CA VAL C 228 -11.15 12.43 -17.62
C VAL C 228 -10.76 11.15 -18.35
N GLY C 229 -10.98 10.00 -17.70
CA GLY C 229 -10.83 8.72 -18.37
C GLY C 229 -11.94 8.51 -19.39
N GLU C 230 -11.65 7.72 -20.42
CA GLU C 230 -12.70 7.24 -21.31
C GLU C 230 -12.92 5.76 -21.01
N VAL C 231 -14.14 5.30 -21.28
CA VAL C 231 -14.51 3.89 -21.12
C VAL C 231 -13.45 2.96 -21.73
N THR C 232 -12.89 3.38 -22.85
CA THR C 232 -11.86 2.63 -23.57
C THR C 232 -10.60 2.41 -22.73
N ASP C 233 -10.22 3.44 -21.98
CA ASP C 233 -9.03 3.40 -21.14
C ASP C 233 -9.06 2.23 -20.15
N VAL C 234 -10.24 1.87 -19.64
CA VAL C 234 -10.36 0.77 -18.68
C VAL C 234 -10.54 -0.60 -19.38
N ALA C 235 -11.34 -0.63 -20.43
CA ALA C 235 -11.58 -1.86 -21.18
C ALA C 235 -10.30 -2.48 -21.70
N ASP C 236 -9.37 -1.62 -22.12
CA ASP C 236 -8.11 -2.10 -22.68
C ASP C 236 -7.19 -2.75 -21.65
N VAL C 237 -7.31 -2.33 -20.40
CA VAL C 237 -6.59 -2.98 -19.31
C VAL C 237 -7.24 -4.33 -19.00
N VAL C 238 -8.57 -4.36 -18.96
CA VAL C 238 -9.31 -5.62 -18.77
C VAL C 238 -8.91 -6.65 -19.84
N ALA C 239 -8.95 -6.23 -21.11
CA ALA C 239 -8.57 -7.11 -22.24
C ALA C 239 -7.20 -7.77 -22.05
N PHE C 240 -6.23 -7.00 -21.56
CA PHE C 240 -4.88 -7.54 -21.31
C PHE C 240 -4.89 -8.63 -20.24
N LEU C 241 -5.56 -8.39 -19.11
CA LEU C 241 -5.65 -9.41 -18.08
C LEU C 241 -6.40 -10.64 -18.56
N ALA C 242 -7.31 -10.44 -19.49
CA ALA C 242 -8.03 -11.56 -20.10
C ALA C 242 -7.14 -12.47 -20.95
N GLY C 243 -6.06 -11.92 -21.50
CA GLY C 243 -5.19 -12.64 -22.45
C GLY C 243 -4.03 -13.40 -21.81
N ASP C 244 -3.21 -14.01 -22.66
CA ASP C 244 -2.09 -14.84 -22.20
C ASP C 244 -0.94 -14.04 -21.58
N ASP C 245 -0.82 -12.77 -21.96
CA ASP C 245 0.29 -11.96 -21.49
C ASP C 245 0.25 -11.67 -20.00
N ALA C 246 -0.86 -12.00 -19.35
CA ALA C 246 -1.06 -11.68 -17.94
C ALA C 246 -1.20 -12.92 -17.04
N ARG C 247 -0.68 -14.05 -17.51
CA ARG C 247 -0.74 -15.33 -16.79
C ARG C 247 0.09 -15.30 -15.48
N TRP C 248 1.06 -14.42 -15.41
CA TRP C 248 1.92 -14.34 -14.23
C TRP C 248 1.52 -13.17 -13.32
N ILE C 249 0.34 -12.62 -13.57
CA ILE C 249 -0.23 -11.57 -12.71
C ILE C 249 -1.49 -12.12 -12.06
N THR C 250 -1.46 -12.23 -10.74
CA THR C 250 -2.64 -12.63 -10.03
C THR C 250 -2.69 -12.03 -8.63
N GLY C 251 -3.91 -11.81 -8.15
CA GLY C 251 -4.10 -11.26 -6.80
C GLY C 251 -3.72 -9.81 -6.71
N SER C 252 -3.79 -9.10 -7.82
CA SER C 252 -3.27 -7.74 -7.87
C SER C 252 -4.32 -6.68 -8.27
N TYR C 253 -3.94 -5.42 -8.09
CA TYR C 253 -4.81 -4.30 -8.35
C TYR C 253 -4.13 -3.45 -9.41
N LEU C 254 -4.72 -3.40 -10.61
CA LEU C 254 -4.23 -2.52 -11.68
C LEU C 254 -4.90 -1.15 -11.65
N ASP C 255 -4.06 -0.12 -11.65
CA ASP C 255 -4.47 1.27 -11.48
C ASP C 255 -4.78 1.91 -12.84
N ALA C 256 -6.02 1.76 -13.31
CA ALA C 256 -6.46 2.38 -14.57
C ALA C 256 -7.16 3.72 -14.33
N SER C 257 -6.44 4.68 -13.75
CA SER C 257 -7.00 5.98 -13.40
C SER C 257 -6.29 7.19 -14.03
N GLY C 258 -5.30 6.94 -14.89
CA GLY C 258 -4.44 8.01 -15.38
C GLY C 258 -3.72 8.76 -14.27
N GLY C 259 -3.16 8.00 -13.32
CA GLY C 259 -2.36 8.58 -12.23
C GLY C 259 -3.12 9.51 -11.30
N THR C 260 -4.30 9.08 -10.88
CA THR C 260 -5.12 9.86 -9.94
C THR C 260 -4.59 9.67 -8.51
N LEU C 261 -3.90 8.56 -8.28
CA LEU C 261 -3.50 8.15 -6.92
C LEU C 261 -2.16 8.73 -6.46
N LEU C 262 -1.64 9.69 -7.22
CA LEU C 262 -0.29 10.19 -7.00
C LEU C 262 -0.23 11.31 -5.95
N GLY C 263 -1.40 11.73 -5.47
CA GLY C 263 -1.49 12.75 -4.43
C GLY C 263 -1.86 14.11 -4.95
N SER D 11 5.85 -5.97 -37.94
CA SER D 11 4.52 -5.43 -37.53
C SER D 11 4.23 -5.69 -36.04
N GLY D 12 3.05 -5.28 -35.60
CA GLY D 12 2.64 -5.42 -34.20
C GLY D 12 2.25 -4.09 -33.59
N LYS D 13 2.06 -4.09 -32.27
CA LYS D 13 1.65 -2.87 -31.54
C LYS D 13 2.70 -1.77 -31.64
N LEU D 14 3.96 -2.15 -31.74
CA LEU D 14 5.06 -1.20 -31.56
C LEU D 14 5.82 -0.93 -32.85
N THR D 15 5.16 -1.12 -33.98
CA THR D 15 5.79 -0.87 -35.27
C THR D 15 6.18 0.60 -35.38
N GLY D 16 7.40 0.85 -35.84
CA GLY D 16 7.90 2.21 -36.00
C GLY D 16 8.27 2.90 -34.69
N LYS D 17 8.44 2.09 -33.64
CA LYS D 17 8.88 2.58 -32.33
C LYS D 17 10.32 2.16 -32.05
N THR D 18 11.03 2.97 -31.28
CA THR D 18 12.37 2.64 -30.84
C THR D 18 12.40 2.41 -29.33
N ALA D 19 13.23 1.46 -28.90
CA ALA D 19 13.31 1.09 -27.49
C ALA D 19 14.75 0.81 -27.05
N LEU D 20 15.04 1.09 -25.78
CA LEU D 20 16.31 0.73 -25.15
C LEU D 20 16.05 -0.10 -23.89
N VAL D 21 16.69 -1.26 -23.79
CA VAL D 21 16.56 -2.09 -22.62
C VAL D 21 17.94 -2.25 -22.01
N THR D 22 18.13 -1.74 -20.79
CA THR D 22 19.42 -1.91 -20.12
C THR D 22 19.59 -3.36 -19.63
N GLY D 23 20.84 -3.82 -19.57
CA GLY D 23 21.18 -5.16 -19.12
C GLY D 23 20.39 -6.28 -19.77
N SER D 24 20.32 -6.25 -21.10
CA SER D 24 19.45 -7.16 -21.83
C SER D 24 20.18 -8.24 -22.65
N SER D 25 21.34 -8.64 -22.18
CA SER D 25 22.07 -9.75 -22.79
C SER D 25 21.59 -11.08 -22.18
N ARG D 26 21.13 -11.03 -20.93
CA ARG D 26 20.67 -12.23 -20.22
C ARG D 26 19.27 -12.00 -19.66
N GLY D 27 18.65 -13.07 -19.18
CA GLY D 27 17.46 -13.02 -18.32
C GLY D 27 16.29 -12.17 -18.81
N ILE D 28 15.66 -11.46 -17.86
CA ILE D 28 14.47 -10.66 -18.13
C ILE D 28 14.73 -9.59 -19.19
N GLY D 29 15.91 -8.99 -19.15
CA GLY D 29 16.28 -7.98 -20.13
C GLY D 29 16.27 -8.53 -21.54
N ARG D 30 16.93 -9.67 -21.72
CA ARG D 30 16.97 -10.34 -23.02
C ARG D 30 15.57 -10.62 -23.54
N ALA D 31 14.77 -11.29 -22.70
CA ALA D 31 13.39 -11.66 -23.04
C ALA D 31 12.55 -10.42 -23.35
N THR D 32 12.76 -9.36 -22.60
CA THR D 32 12.05 -8.10 -22.85
C THR D 32 12.42 -7.53 -24.23
N ALA D 33 13.72 -7.54 -24.54
CA ALA D 33 14.19 -7.05 -25.84
C ALA D 33 13.58 -7.88 -26.98
N ILE D 34 13.66 -9.20 -26.86
CA ILE D 34 13.09 -10.10 -27.85
C ILE D 34 11.62 -9.76 -28.06
N ARG D 35 10.88 -9.74 -26.95
CA ARG D 35 9.46 -9.47 -26.98
C ARG D 35 9.13 -8.13 -27.63
N LEU D 36 9.84 -7.08 -27.24
CA LEU D 36 9.57 -5.74 -27.76
C LEU D 36 9.85 -5.70 -29.25
N ALA D 37 10.96 -6.34 -29.64
CA ALA D 37 11.33 -6.49 -31.03
C ALA D 37 10.22 -7.20 -31.81
N ARG D 38 9.72 -8.31 -31.25
CA ARG D 38 8.61 -9.05 -31.84
C ARG D 38 7.40 -8.18 -32.16
N GLU D 39 7.12 -7.17 -31.32
CA GLU D 39 6.04 -6.21 -31.59
C GLU D 39 6.39 -5.17 -32.65
N GLY D 40 7.57 -5.31 -33.27
CA GLY D 40 7.99 -4.42 -34.36
C GLY D 40 8.77 -3.20 -33.91
N ALA D 41 9.32 -3.25 -32.70
CA ALA D 41 10.13 -2.16 -32.18
C ALA D 41 11.60 -2.31 -32.56
N LEU D 42 12.23 -1.18 -32.85
CA LEU D 42 13.69 -1.14 -33.01
C LEU D 42 14.36 -1.09 -31.64
N VAL D 43 15.15 -2.12 -31.31
CA VAL D 43 15.64 -2.30 -29.95
C VAL D 43 17.13 -2.13 -29.79
N ALA D 44 17.53 -1.18 -28.97
CA ALA D 44 18.89 -1.09 -28.51
C ALA D 44 19.08 -2.10 -27.40
N VAL D 45 19.94 -3.09 -27.65
CA VAL D 45 20.29 -4.11 -26.68
C VAL D 45 21.55 -3.67 -25.94
N HIS D 46 21.39 -3.25 -24.69
CA HIS D 46 22.53 -2.79 -23.87
C HIS D 46 23.06 -3.89 -22.98
N CYS D 47 24.38 -3.92 -22.81
CA CYS D 47 25.04 -4.69 -21.76
C CYS D 47 26.24 -3.89 -21.22
N SER D 48 26.67 -4.20 -20.01
CA SER D 48 27.75 -3.47 -19.38
C SER D 48 29.14 -3.88 -19.88
N ARG D 49 29.36 -5.19 -20.04
CA ARG D 49 30.70 -5.70 -20.29
C ARG D 49 30.84 -6.70 -21.44
N ASN D 50 29.83 -7.52 -21.69
CA ASN D 50 29.91 -8.55 -22.74
C ASN D 50 29.29 -8.12 -24.07
N ARG D 51 30.14 -7.91 -25.08
CA ARG D 51 29.68 -7.59 -26.43
C ARG D 51 29.10 -8.82 -27.10
N GLU D 52 29.61 -9.98 -26.67
CA GLU D 52 29.25 -11.27 -27.25
C GLU D 52 27.80 -11.62 -26.95
N ALA D 53 27.48 -11.67 -25.65
CA ALA D 53 26.13 -11.91 -25.18
C ALA D 53 25.13 -10.93 -25.78
N ALA D 54 25.53 -9.66 -25.88
CA ALA D 54 24.68 -8.62 -26.46
C ALA D 54 24.35 -8.89 -27.91
N ASP D 55 25.30 -9.50 -28.63
CA ASP D 55 25.13 -9.77 -30.05
C ASP D 55 24.32 -11.04 -30.33
N GLU D 56 24.46 -12.03 -29.44
CA GLU D 56 23.59 -13.20 -29.47
C GLU D 56 22.12 -12.76 -29.47
N THR D 57 21.78 -11.82 -28.59
CA THR D 57 20.44 -11.26 -28.50
C THR D 57 20.04 -10.56 -29.80
N VAL D 58 20.93 -9.71 -30.33
CA VAL D 58 20.64 -8.97 -31.56
C VAL D 58 20.38 -9.92 -32.73
N ALA D 59 21.13 -11.03 -32.76
CA ALA D 59 20.99 -12.04 -33.80
C ALA D 59 19.60 -12.65 -33.75
N THR D 60 19.25 -13.21 -32.59
CA THR D 60 17.94 -13.80 -32.36
C THR D 60 16.83 -12.89 -32.90
N ILE D 61 16.85 -11.63 -32.50
CA ILE D 61 15.84 -10.66 -32.96
C ILE D 61 15.79 -10.57 -34.48
N GLU D 62 16.97 -10.60 -35.11
CA GLU D 62 17.06 -10.56 -36.58
C GLU D 62 16.59 -11.89 -37.19
N LYS D 63 17.00 -13.00 -36.59
CA LYS D 63 16.54 -14.33 -37.02
C LYS D 63 15.00 -14.40 -37.05
N GLU D 64 14.37 -13.84 -36.02
CA GLU D 64 12.91 -13.87 -35.90
C GLU D 64 12.25 -12.75 -36.71
N GLY D 65 13.06 -12.00 -37.45
CA GLY D 65 12.54 -11.02 -38.41
C GLY D 65 12.44 -9.59 -37.91
N GLY D 66 13.01 -9.33 -36.73
CA GLY D 66 12.99 -7.98 -36.14
C GLY D 66 14.30 -7.21 -36.29
N ARG D 67 14.35 -6.03 -35.68
CA ARG D 67 15.49 -5.13 -35.83
C ARG D 67 16.08 -4.73 -34.46
N ALA D 68 17.40 -4.85 -34.35
CA ALA D 68 18.11 -4.51 -33.11
C ALA D 68 19.59 -4.18 -33.36
N PHE D 69 20.22 -3.56 -32.37
CA PHE D 69 21.67 -3.35 -32.37
C PHE D 69 22.23 -3.35 -30.94
N SER D 70 23.44 -3.85 -30.76
CA SER D 70 24.05 -3.89 -29.44
C SER D 70 24.63 -2.54 -29.06
N VAL D 71 24.67 -2.27 -27.76
CA VAL D 71 25.26 -1.04 -27.23
C VAL D 71 25.97 -1.39 -25.95
N LEU D 72 27.29 -1.17 -25.92
CA LEU D 72 28.07 -1.48 -24.73
C LEU D 72 28.48 -0.23 -23.98
N ALA D 73 28.24 -0.23 -22.67
CA ALA D 73 28.59 0.88 -21.80
C ALA D 73 28.46 0.36 -20.39
N GLU D 74 29.58 0.35 -19.66
CA GLU D 74 29.58 -0.13 -18.29
C GLU D 74 28.83 0.87 -17.41
N LEU D 75 27.78 0.41 -16.75
CA LEU D 75 27.04 1.25 -15.83
C LEU D 75 27.66 1.17 -14.44
N GLY D 76 27.53 2.25 -13.68
CA GLY D 76 28.05 2.29 -12.31
C GLY D 76 29.39 2.98 -12.20
N VAL D 77 29.91 3.46 -13.31
CA VAL D 77 31.18 4.20 -13.29
C VAL D 77 31.04 5.60 -13.86
N PRO D 78 31.85 6.56 -13.37
CA PRO D 78 31.87 7.89 -13.95
C PRO D 78 31.92 7.80 -15.47
N GLY D 79 31.00 8.48 -16.15
CA GLY D 79 30.96 8.49 -17.61
C GLY D 79 29.99 7.51 -18.24
N ASP D 80 29.36 6.66 -17.42
CA ASP D 80 28.44 5.63 -17.93
C ASP D 80 27.34 6.21 -18.84
N VAL D 81 26.73 7.29 -18.40
CA VAL D 81 25.65 7.90 -19.17
C VAL D 81 26.14 8.47 -20.52
N HIS D 82 27.30 9.11 -20.51
CA HIS D 82 27.91 9.60 -21.77
C HIS D 82 28.07 8.46 -22.75
N GLU D 83 28.70 7.38 -22.30
CA GLU D 83 28.99 6.25 -23.18
C GLU D 83 27.72 5.55 -23.69
N LEU D 84 26.74 5.36 -22.82
CA LEU D 84 25.46 4.75 -23.22
C LEU D 84 24.81 5.55 -24.34
N PHE D 85 24.70 6.85 -24.16
CA PHE D 85 23.96 7.68 -25.09
C PHE D 85 24.72 7.97 -26.39
N LEU D 86 26.04 8.19 -26.27
CA LEU D 86 26.88 8.35 -27.45
C LEU D 86 26.66 7.19 -28.41
N ALA D 87 26.84 5.98 -27.90
CA ALA D 87 26.59 4.77 -28.68
C ALA D 87 25.13 4.71 -29.13
N LEU D 88 24.20 4.93 -28.19
CA LEU D 88 22.77 4.77 -28.49
C LEU D 88 22.27 5.73 -29.57
N GLU D 89 22.59 7.02 -29.42
CA GLU D 89 22.10 8.05 -30.35
C GLU D 89 22.61 7.86 -31.78
N ARG D 90 23.85 7.40 -31.90
CA ARG D 90 24.42 7.07 -33.20
C ARG D 90 23.65 5.93 -33.87
N GLY D 91 23.60 4.78 -33.20
CA GLY D 91 22.90 3.60 -33.70
C GLY D 91 21.46 3.88 -34.11
N LEU D 92 20.82 4.86 -33.45
CA LEU D 92 19.47 5.25 -33.78
C LEU D 92 19.37 6.10 -35.05
N LYS D 93 20.19 7.15 -35.12
CA LYS D 93 20.25 7.99 -36.33
C LYS D 93 20.67 7.14 -37.53
N GLU D 94 21.64 6.25 -37.33
CA GLU D 94 22.04 5.28 -38.34
C GLU D 94 20.85 4.55 -38.94
N ARG D 95 19.91 4.11 -38.09
CA ARG D 95 18.82 3.24 -38.56
C ARG D 95 17.49 3.93 -38.87
N THR D 96 17.33 5.18 -38.43
CA THR D 96 16.04 5.89 -38.59
C THR D 96 16.20 7.34 -38.97
N ASP D 97 17.44 7.83 -38.96
CA ASP D 97 17.74 9.26 -39.15
C ASP D 97 17.04 10.17 -38.13
N ALA D 98 16.82 9.62 -36.92
CA ALA D 98 16.34 10.41 -35.77
C ALA D 98 16.89 9.83 -34.47
N THR D 99 16.88 10.66 -33.42
CA THR D 99 17.38 10.25 -32.11
C THR D 99 16.23 9.84 -31.17
N THR D 100 15.01 9.89 -31.67
CA THR D 100 13.81 9.55 -30.89
C THR D 100 13.96 8.22 -30.15
N LEU D 101 13.60 8.22 -28.87
CA LEU D 101 13.52 6.99 -28.10
C LEU D 101 12.13 6.88 -27.49
N ASP D 102 11.30 6.01 -28.05
CA ASP D 102 9.90 5.87 -27.60
C ASP D 102 9.79 5.14 -26.26
N ILE D 103 10.63 4.12 -26.07
CA ILE D 103 10.52 3.26 -24.89
C ILE D 103 11.86 3.10 -24.16
N LEU D 104 11.87 3.43 -22.86
CA LEU D 104 13.01 3.17 -22.02
C LEU D 104 12.70 2.09 -20.95
N VAL D 105 13.47 1.01 -20.96
CA VAL D 105 13.38 0.00 -19.91
C VAL D 105 14.64 -0.03 -19.04
N ASN D 106 14.53 0.51 -17.83
CA ASN D 106 15.60 0.38 -16.83
C ASN D 106 15.56 -1.02 -16.23
N ASN D 107 16.38 -1.92 -16.77
CA ASN D 107 16.42 -3.32 -16.30
C ASN D 107 17.74 -3.78 -15.62
N ALA D 108 18.86 -3.19 -16.00
CA ALA D 108 20.14 -3.61 -15.45
C ALA D 108 20.16 -3.51 -13.93
N GLY D 109 20.79 -4.48 -13.30
CA GLY D 109 20.91 -4.49 -11.86
C GLY D 109 21.84 -5.58 -11.40
N VAL D 110 22.56 -5.31 -10.32
CA VAL D 110 23.47 -6.28 -9.72
C VAL D 110 23.05 -6.55 -8.27
N MET D 111 23.40 -7.71 -7.73
CA MET D 111 22.99 -8.08 -6.37
C MET D 111 24.13 -8.14 -5.35
N GLY D 112 23.78 -8.30 -4.07
CA GLY D 112 24.74 -8.17 -2.97
C GLY D 112 25.20 -9.50 -2.41
N GLY D 113 24.24 -10.35 -2.03
CA GLY D 113 24.53 -11.71 -1.59
C GLY D 113 25.41 -11.86 -0.36
N VAL D 114 25.38 -10.88 0.54
CA VAL D 114 26.02 -11.01 1.85
C VAL D 114 25.12 -10.52 2.99
N ALA D 115 25.35 -11.07 4.18
CA ALA D 115 24.70 -10.60 5.38
C ALA D 115 25.00 -9.12 5.58
N PRO D 116 24.07 -8.40 6.25
CA PRO D 116 24.26 -6.95 6.42
C PRO D 116 25.57 -6.60 7.13
N GLU D 117 26.02 -7.44 8.05
CA GLU D 117 27.27 -7.18 8.78
C GLU D 117 28.50 -7.19 7.86
N GLU D 118 28.37 -7.86 6.71
CA GLU D 118 29.46 -7.99 5.75
C GLU D 118 29.39 -6.99 4.59
N VAL D 119 28.34 -6.17 4.56
CA VAL D 119 28.22 -5.16 3.51
C VAL D 119 29.24 -4.03 3.71
N THR D 120 30.07 -3.80 2.69
CA THR D 120 31.08 -2.73 2.73
C THR D 120 30.49 -1.41 2.20
N PRO D 121 31.00 -0.27 2.70
CA PRO D 121 30.72 1.02 2.06
C PRO D 121 30.89 0.97 0.54
N GLU D 122 31.93 0.28 0.07
CA GLU D 122 32.22 0.23 -1.35
C GLU D 122 31.18 -0.55 -2.11
N LEU D 123 30.74 -1.68 -1.55
CA LEU D 123 29.67 -2.49 -2.18
C LEU D 123 28.34 -1.73 -2.25
N PHE D 124 28.03 -1.02 -1.17
CA PHE D 124 26.85 -0.16 -1.09
C PHE D 124 26.90 0.89 -2.21
N ASP D 125 28.02 1.62 -2.30
CA ASP D 125 28.21 2.60 -3.36
C ASP D 125 27.93 2.02 -4.74
N ARG D 126 28.43 0.81 -4.99
CA ARG D 126 28.31 0.22 -6.31
C ARG D 126 26.87 -0.22 -6.61
N LEU D 127 26.21 -0.81 -5.61
CA LEU D 127 24.80 -1.19 -5.77
C LEU D 127 23.95 0.02 -6.13
N VAL D 128 24.15 1.10 -5.39
CA VAL D 128 23.49 2.38 -5.66
C VAL D 128 23.83 2.87 -7.05
N ALA D 129 25.12 2.79 -7.41
CA ALA D 129 25.60 3.33 -8.68
C ALA D 129 24.99 2.61 -9.87
N VAL D 130 25.00 1.28 -9.85
CA VAL D 130 24.39 0.54 -10.95
C VAL D 130 22.86 0.62 -10.91
N ASN D 131 22.28 0.32 -9.76
CA ASN D 131 20.82 0.03 -9.65
C ASN D 131 19.91 1.25 -9.57
N ALA D 132 20.42 2.36 -9.03
CA ALA D 132 19.55 3.51 -8.72
C ALA D 132 20.03 4.81 -9.35
N LYS D 133 21.33 5.11 -9.18
CA LYS D 133 21.97 6.31 -9.76
C LYS D 133 21.93 6.31 -11.29
N ALA D 134 22.36 5.22 -11.90
CA ALA D 134 22.29 5.10 -13.36
C ALA D 134 20.86 5.28 -13.89
N PRO D 135 19.87 4.55 -13.31
CA PRO D 135 18.52 4.80 -13.74
C PRO D 135 18.08 6.26 -13.64
N PHE D 136 18.40 6.96 -12.54
CA PHE D 136 18.07 8.37 -12.46
C PHE D 136 18.65 9.21 -13.60
N PHE D 137 19.95 9.07 -13.83
CA PHE D 137 20.62 9.91 -14.82
C PHE D 137 20.38 9.44 -16.23
N ILE D 138 20.09 8.15 -16.39
CA ILE D 138 19.60 7.64 -17.67
C ILE D 138 18.23 8.25 -18.02
N VAL D 139 17.30 8.29 -17.06
CA VAL D 139 16.00 8.96 -17.27
C VAL D 139 16.18 10.43 -17.60
N GLN D 140 16.95 11.13 -16.75
CA GLN D 140 17.16 12.57 -16.91
C GLN D 140 17.63 12.93 -18.31
N ARG D 141 18.59 12.17 -18.83
CA ARG D 141 19.14 12.44 -20.14
C ARG D 141 18.19 11.97 -21.25
N ALA D 142 17.39 10.93 -20.95
CA ALA D 142 16.51 10.34 -21.96
C ALA D 142 15.26 11.19 -22.25
N LEU D 143 14.91 12.09 -21.32
CA LEU D 143 13.82 13.06 -21.52
C LEU D 143 14.05 13.86 -22.80
N THR D 144 15.32 14.05 -23.11
CA THR D 144 15.79 14.69 -24.33
C THR D 144 15.27 13.97 -25.57
N LEU D 145 15.19 12.65 -25.50
CA LEU D 145 14.94 11.81 -26.68
C LEU D 145 13.52 11.26 -26.74
N ILE D 146 12.84 11.23 -25.60
CA ILE D 146 11.53 10.58 -25.49
C ILE D 146 10.42 11.53 -25.92
N PRO D 147 9.67 11.14 -26.99
CA PRO D 147 8.60 11.97 -27.52
C PRO D 147 7.40 12.00 -26.58
N ASP D 148 6.48 12.91 -26.83
CA ASP D 148 5.21 12.88 -26.14
C ASP D 148 4.49 11.59 -26.50
N GLY D 149 3.89 10.94 -25.50
CA GLY D 149 3.27 9.62 -25.68
C GLY D 149 4.25 8.48 -25.52
N GLY D 150 5.44 8.79 -25.00
CA GLY D 150 6.49 7.79 -24.83
C GLY D 150 6.35 6.96 -23.57
N ARG D 151 7.31 6.06 -23.36
CA ARG D 151 7.22 5.09 -22.26
C ARG D 151 8.51 4.97 -21.43
N ILE D 152 8.35 4.91 -20.11
CA ILE D 152 9.45 4.56 -19.20
C ILE D 152 9.00 3.42 -18.28
N ILE D 153 9.76 2.33 -18.27
CA ILE D 153 9.41 1.17 -17.45
C ILE D 153 10.60 0.76 -16.59
N ASN D 154 10.41 0.72 -15.28
CA ASN D 154 11.48 0.36 -14.36
C ASN D 154 11.26 -1.00 -13.76
N ILE D 155 12.24 -1.89 -13.95
CA ILE D 155 12.14 -3.24 -13.42
C ILE D 155 12.59 -3.25 -11.99
N SER D 156 11.64 -3.52 -11.09
CA SER D 156 11.90 -3.50 -9.65
C SER D 156 12.32 -4.88 -9.18
N SER D 157 11.91 -5.24 -7.96
CA SER D 157 12.18 -6.56 -7.38
C SER D 157 11.11 -6.93 -6.36
N GLY D 158 10.79 -8.22 -6.31
CA GLY D 158 9.86 -8.70 -5.28
C GLY D 158 10.38 -8.40 -3.89
N LEU D 159 11.70 -8.34 -3.76
CA LEU D 159 12.33 -8.10 -2.46
C LEU D 159 12.05 -6.71 -1.86
N THR D 160 11.35 -5.85 -2.61
CA THR D 160 10.90 -4.57 -2.08
C THR D 160 9.60 -4.74 -1.29
N ARG D 161 8.95 -5.88 -1.47
CA ARG D 161 7.68 -6.14 -0.77
C ARG D 161 7.84 -7.31 0.16
N PHE D 162 9.01 -7.94 0.11
CA PHE D 162 9.26 -9.18 0.79
C PHE D 162 10.62 -9.11 1.51
N ALA D 163 10.59 -9.27 2.84
CA ALA D 163 11.79 -9.15 3.68
C ALA D 163 12.83 -10.23 3.41
N ASN D 164 14.04 -9.81 3.09
CA ASN D 164 15.19 -10.71 2.91
C ASN D 164 16.48 -10.02 3.28
N PRO D 165 16.91 -10.17 4.55
CA PRO D 165 18.09 -9.47 5.09
C PRO D 165 19.39 -9.76 4.33
N GLN D 166 19.42 -10.89 3.64
CA GLN D 166 20.58 -11.28 2.86
C GLN D 166 20.76 -10.41 1.59
N GLU D 167 19.75 -9.60 1.28
CA GLU D 167 19.83 -8.67 0.16
C GLU D 167 19.37 -7.26 0.51
N VAL D 168 19.61 -6.83 1.74
CA VAL D 168 19.09 -5.54 2.21
C VAL D 168 19.56 -4.35 1.37
N ALA D 169 20.85 -4.27 1.06
CA ALA D 169 21.38 -3.16 0.25
C ALA D 169 20.79 -3.20 -1.15
N TYR D 170 20.64 -4.39 -1.72
CA TYR D 170 20.00 -4.51 -3.02
C TYR D 170 18.58 -3.98 -2.99
N ALA D 171 17.83 -4.33 -1.96
CA ALA D 171 16.42 -3.95 -1.90
C ALA D 171 16.28 -2.46 -1.69
N MET D 172 17.18 -1.89 -0.89
CA MET D 172 17.24 -0.43 -0.68
C MET D 172 17.37 0.36 -1.98
N THR D 173 18.20 -0.13 -2.88
CA THR D 173 18.38 0.49 -4.19
C THR D 173 17.18 0.31 -5.08
N LYS D 174 16.48 -0.83 -4.97
CA LYS D 174 15.24 -1.03 -5.76
C LYS D 174 14.08 -0.24 -5.18
N GLY D 175 14.06 -0.10 -3.86
CA GLY D 175 13.16 0.85 -3.23
C GLY D 175 13.37 2.22 -3.84
N ALA D 176 14.64 2.62 -3.95
CA ALA D 176 15.00 3.92 -4.51
C ALA D 176 14.51 4.07 -5.96
N MET D 177 14.72 3.02 -6.75
CA MET D 177 14.26 2.97 -8.14
C MET D 177 12.73 3.10 -8.28
N ASP D 178 11.98 2.55 -7.34
CA ASP D 178 10.51 2.64 -7.39
C ASP D 178 9.99 4.07 -7.17
N GLN D 179 10.76 4.88 -6.47
CA GLN D 179 10.45 6.29 -6.34
C GLN D 179 10.58 7.06 -7.66
N LEU D 180 11.45 6.58 -8.56
CA LEU D 180 11.53 7.16 -9.91
C LEU D 180 10.18 7.10 -10.60
N THR D 181 9.54 5.95 -10.47
CA THR D 181 8.23 5.70 -11.05
C THR D 181 7.17 6.70 -10.53
N LEU D 182 7.07 6.82 -9.21
CA LEU D 182 6.05 7.67 -8.62
C LEU D 182 6.24 9.13 -9.07
N HIS D 183 7.46 9.62 -8.94
CA HIS D 183 7.70 11.05 -9.10
C HIS D 183 7.84 11.53 -10.55
N PHE D 184 8.49 10.73 -11.40
CA PHE D 184 8.50 11.02 -12.84
C PHE D 184 7.14 10.83 -13.54
N ALA D 185 6.29 9.98 -12.97
CA ALA D 185 4.94 9.84 -13.51
C ALA D 185 4.26 11.20 -13.43
N LYS D 186 4.39 11.85 -12.28
CA LYS D 186 3.83 13.17 -12.03
C LYS D 186 4.49 14.22 -12.92
N HIS D 187 5.82 14.21 -12.94
CA HIS D 187 6.60 15.16 -13.71
C HIS D 187 6.28 15.12 -15.20
N LEU D 188 6.09 13.93 -15.74
CA LEU D 188 5.94 13.76 -17.18
C LEU D 188 4.49 13.72 -17.65
N GLY D 189 3.56 14.00 -16.74
CA GLY D 189 2.13 13.99 -17.04
C GLY D 189 1.75 14.84 -18.24
N SER D 190 2.21 16.09 -18.25
CA SER D 190 1.87 17.04 -19.32
C SER D 190 2.42 16.62 -20.68
N ARG D 191 3.43 15.75 -20.67
N ARG D 191 3.44 15.76 -20.67
CA ARG D 191 4.02 15.26 -21.91
CA ARG D 191 4.03 15.26 -21.92
C ARG D 191 3.43 13.92 -22.36
C ARG D 191 3.48 13.89 -22.31
N ASN D 192 2.43 13.44 -21.63
CA ASN D 192 1.77 12.16 -21.94
C ASN D 192 2.68 10.94 -21.93
N ILE D 193 3.73 11.00 -21.13
CA ILE D 193 4.62 9.85 -20.94
C ILE D 193 4.22 9.10 -19.67
N THR D 194 3.92 7.80 -19.82
CA THR D 194 3.57 6.98 -18.68
C THR D 194 4.87 6.45 -18.08
N VAL D 195 4.91 6.33 -16.76
CA VAL D 195 6.08 5.79 -16.06
C VAL D 195 5.58 4.76 -15.06
N ASN D 196 6.00 3.50 -15.22
CA ASN D 196 5.60 2.42 -14.32
C ASN D 196 6.74 1.48 -13.90
N SER D 197 6.52 0.74 -12.81
CA SER D 197 7.43 -0.30 -12.35
C SER D 197 6.82 -1.67 -12.60
N VAL D 198 7.70 -2.66 -12.82
CA VAL D 198 7.30 -4.06 -12.89
C VAL D 198 8.11 -4.85 -11.88
N GLY D 199 7.42 -5.53 -10.96
CA GLY D 199 8.08 -6.35 -9.94
C GLY D 199 8.01 -7.83 -10.23
N PRO D 200 9.17 -8.46 -10.51
CA PRO D 200 9.18 -9.89 -10.70
C PRO D 200 9.08 -10.62 -9.36
N GLY D 201 8.83 -11.93 -9.42
CA GLY D 201 8.99 -12.78 -8.24
C GLY D 201 10.39 -13.35 -8.30
N ILE D 202 10.57 -14.57 -7.82
CA ILE D 202 11.79 -15.31 -8.11
C ILE D 202 11.74 -15.74 -9.59
N THR D 203 12.81 -15.47 -10.33
CA THR D 203 12.81 -15.67 -11.79
C THR D 203 14.01 -16.49 -12.27
N ASN D 204 13.72 -17.56 -13.02
CA ASN D 204 14.73 -18.52 -13.46
C ASN D 204 15.84 -17.91 -14.33
CA PRO D 213 17.98 -29.44 -7.81
C PRO D 213 16.63 -29.50 -7.09
N GLU D 214 16.67 -29.84 -5.79
CA GLU D 214 15.47 -29.85 -4.95
C GLU D 214 15.12 -28.44 -4.48
N ALA D 215 16.06 -27.50 -4.68
CA ALA D 215 15.85 -26.10 -4.33
C ALA D 215 14.85 -25.42 -5.26
N VAL D 216 14.67 -26.00 -6.45
CA VAL D 216 13.63 -25.55 -7.39
C VAL D 216 12.24 -25.67 -6.75
N ALA D 217 12.00 -26.80 -6.07
CA ALA D 217 10.70 -27.07 -5.46
C ALA D 217 10.31 -26.04 -4.40
N GLN D 218 11.31 -25.48 -3.70
CA GLN D 218 11.06 -24.52 -2.61
C GLN D 218 10.76 -23.10 -3.08
N MET D 219 11.47 -22.67 -4.13
CA MET D 219 11.22 -21.37 -4.75
C MET D 219 9.87 -21.37 -5.49
N ALA D 220 9.50 -22.53 -6.03
CA ALA D 220 8.21 -22.71 -6.71
C ALA D 220 7.03 -22.59 -5.75
N GLY D 221 7.27 -22.92 -4.48
CA GLY D 221 6.24 -22.85 -3.44
C GLY D 221 5.80 -21.42 -3.15
N TYR D 222 6.69 -20.47 -3.36
CA TYR D 222 6.39 -19.06 -3.11
C TYR D 222 5.22 -18.51 -3.94
N SER D 223 5.03 -19.06 -5.13
CA SER D 223 3.92 -18.67 -6.00
C SER D 223 2.69 -19.48 -5.66
N VAL D 224 1.51 -18.93 -5.93
CA VAL D 224 0.26 -19.69 -5.77
C VAL D 224 0.06 -20.67 -6.92
N PHE D 225 0.81 -20.49 -8.00
CA PHE D 225 0.77 -21.39 -9.15
C PHE D 225 1.69 -22.60 -8.98
N ASN D 226 2.39 -22.65 -7.85
CA ASN D 226 3.36 -23.72 -7.57
C ASN D 226 4.33 -23.97 -8.74
N ARG D 227 4.89 -22.88 -9.26
CA ARG D 227 5.94 -22.95 -10.24
C ARG D 227 6.83 -21.72 -10.12
N VAL D 228 8.06 -21.84 -10.63
CA VAL D 228 8.95 -20.70 -10.68
C VAL D 228 8.59 -19.82 -11.88
N GLY D 229 8.91 -18.54 -11.75
CA GLY D 229 8.71 -17.59 -12.84
C GLY D 229 9.68 -17.85 -13.97
N GLU D 230 9.24 -17.56 -15.19
CA GLU D 230 10.12 -17.61 -16.34
C GLU D 230 10.42 -16.19 -16.79
N VAL D 231 11.48 -16.02 -17.57
CA VAL D 231 11.85 -14.69 -18.04
C VAL D 231 10.75 -14.08 -18.92
N THR D 232 9.99 -14.94 -19.61
CA THR D 232 8.89 -14.48 -20.46
C THR D 232 7.75 -13.85 -19.63
N ASP D 233 7.52 -14.40 -18.44
CA ASP D 233 6.45 -13.96 -17.54
C ASP D 233 6.50 -12.46 -17.21
N VAL D 234 7.69 -11.90 -17.20
CA VAL D 234 7.88 -10.49 -16.88
C VAL D 234 7.86 -9.67 -18.16
N ALA D 235 8.54 -10.18 -19.18
CA ALA D 235 8.67 -9.52 -20.47
C ALA D 235 7.33 -9.17 -21.12
N ASP D 236 6.35 -10.07 -20.95
CA ASP D 236 5.02 -9.87 -21.54
C ASP D 236 4.26 -8.73 -20.88
N VAL D 237 4.52 -8.51 -19.61
CA VAL D 237 3.92 -7.41 -18.87
C VAL D 237 4.56 -6.08 -19.30
N VAL D 238 5.89 -6.09 -19.45
CA VAL D 238 6.61 -4.91 -19.95
C VAL D 238 6.08 -4.49 -21.30
N ALA D 239 5.92 -5.45 -22.21
CA ALA D 239 5.47 -5.16 -23.56
C ALA D 239 4.06 -4.59 -23.56
N PHE D 240 3.20 -5.09 -22.68
CA PHE D 240 1.87 -4.50 -22.48
C PHE D 240 2.00 -3.03 -22.10
N LEU D 241 2.76 -2.77 -21.03
CA LEU D 241 3.03 -1.41 -20.58
C LEU D 241 3.60 -0.52 -21.68
N ALA D 242 4.39 -1.12 -22.57
CA ALA D 242 5.05 -0.39 -23.66
C ALA D 242 4.11 0.05 -24.78
N GLY D 243 2.92 -0.55 -24.83
CA GLY D 243 1.96 -0.31 -25.91
C GLY D 243 0.82 0.63 -25.55
N ASP D 244 -0.07 0.88 -26.53
CA ASP D 244 -1.15 1.86 -26.39
C ASP D 244 -2.26 1.44 -25.41
N ASP D 245 -2.49 0.13 -25.28
CA ASP D 245 -3.46 -0.42 -24.35
C ASP D 245 -3.21 -0.01 -22.89
N ALA D 246 -2.01 0.48 -22.61
CA ALA D 246 -1.62 0.83 -21.25
C ALA D 246 -1.45 2.34 -21.05
N ARG D 247 -2.09 3.13 -21.91
CA ARG D 247 -1.92 4.59 -21.91
C ARG D 247 -2.48 5.25 -20.64
N TRP D 248 -3.40 4.57 -19.97
CA TRP D 248 -4.11 5.12 -18.82
C TRP D 248 -3.60 4.51 -17.52
N ILE D 249 -2.44 3.88 -17.59
CA ILE D 249 -1.75 3.39 -16.41
C ILE D 249 -0.42 4.13 -16.25
N THR D 250 -0.29 4.86 -15.15
CA THR D 250 0.95 5.55 -14.85
C THR D 250 1.19 5.70 -13.35
N GLY D 251 2.46 5.72 -12.96
CA GLY D 251 2.83 5.89 -11.55
C GLY D 251 2.58 4.65 -10.70
N SER D 252 2.39 3.51 -11.34
CA SER D 252 1.95 2.31 -10.65
C SER D 252 2.97 1.15 -10.63
N TYR D 253 2.65 0.13 -9.84
CA TYR D 253 3.54 -1.01 -9.66
C TYR D 253 2.83 -2.30 -10.12
N LEU D 254 3.31 -2.91 -11.19
CA LEU D 254 2.70 -4.13 -11.70
C LEU D 254 3.36 -5.41 -11.18
N ASP D 255 2.54 -6.32 -10.66
CA ASP D 255 3.02 -7.44 -9.87
C ASP D 255 3.16 -8.72 -10.70
N ALA D 256 4.24 -8.80 -11.47
CA ALA D 256 4.52 -9.96 -12.33
C ALA D 256 5.31 -11.00 -11.55
N SER D 257 4.72 -11.51 -10.48
CA SER D 257 5.40 -12.45 -9.59
C SER D 257 4.66 -13.78 -9.45
N GLY D 258 3.54 -13.93 -10.16
CA GLY D 258 2.69 -15.11 -10.03
C GLY D 258 2.16 -15.30 -8.62
N GLY D 259 1.72 -14.21 -8.01
CA GLY D 259 1.06 -14.24 -6.70
C GLY D 259 1.96 -14.47 -5.50
N THR D 260 3.20 -14.02 -5.58
CA THR D 260 4.15 -14.19 -4.49
C THR D 260 3.87 -13.23 -3.33
N LEU D 261 3.25 -12.09 -3.61
CA LEU D 261 3.01 -11.08 -2.58
C LEU D 261 1.88 -11.46 -1.61
N LEU D 262 1.11 -12.48 -1.96
CA LEU D 262 -0.10 -12.87 -1.22
C LEU D 262 0.19 -13.46 0.19
N GLY D 263 1.43 -13.34 0.64
CA GLY D 263 1.82 -13.83 1.95
C GLY D 263 1.79 -15.34 2.03
PA NAP E . 16.15 20.21 9.63
O1A NAP E . 15.33 21.19 10.46
O2A NAP E . 16.89 20.67 8.39
O5B NAP E . 17.24 19.53 10.58
C5B NAP E . 17.90 18.35 10.11
C4B NAP E . 19.04 17.96 11.05
O4B NAP E . 19.89 17.05 10.33
C3B NAP E . 19.90 19.15 11.47
O3B NAP E . 20.14 19.12 12.89
C2B NAP E . 21.21 18.96 10.72
O2B NAP E . 22.36 19.37 11.47
C1B NAP E . 21.24 17.46 10.48
N9A NAP E . 22.09 17.11 9.31
C8A NAP E . 21.87 17.38 8.02
N7A NAP E . 22.89 16.93 7.24
C5A NAP E . 23.80 16.36 8.06
C6A NAP E . 25.10 15.67 7.91
N6A NAP E . 25.67 15.52 6.68
N1A NAP E . 25.73 15.24 9.03
C2A NAP E . 25.17 15.40 10.26
N3A NAP E . 23.99 16.00 10.47
C4A NAP E . 23.26 16.48 9.43
O3 NAP E . 15.22 18.96 9.19
PN NAP E . 13.69 18.63 9.66
O1N NAP E . 12.72 19.39 8.81
O2N NAP E . 13.53 18.70 11.16
O5D NAP E . 13.62 17.09 9.19
C5D NAP E . 14.40 16.06 9.79
C4D NAP E . 14.05 14.73 9.12
O4D NAP E . 12.64 14.70 8.82
C3D NAP E . 14.78 14.57 7.79
O3D NAP E . 15.21 13.21 7.66
C2D NAP E . 13.74 14.88 6.73
O2D NAP E . 13.98 14.18 5.51
C1D NAP E . 12.45 14.44 7.42
N1N NAP E . 11.24 15.09 6.94
C2N NAP E . 11.00 16.40 7.16
C3N NAP E . 9.80 16.97 6.69
C7N NAP E . 9.47 18.43 6.90
O7N NAP E . 8.70 18.97 6.12
N7N NAP E . 10.01 19.09 7.92
C4N NAP E . 8.90 16.16 6.01
C5N NAP E . 9.17 14.82 5.79
C6N NAP E . 10.37 14.31 6.29
P2B NAP E . 23.56 20.18 10.78
O1X NAP E . 23.00 21.56 10.54
O2X NAP E . 24.64 20.17 11.84
O3X NAP E . 23.89 19.41 9.52
OAC 2V4 F . 6.26 19.77 0.61
CAS 2V4 F . 6.53 18.70 1.16
CAX 2V4 F . 7.78 18.50 1.78
CAR 2V4 F . 8.79 19.50 1.80
CAN 2V4 F . 8.68 20.79 1.25
OAB 2V4 F . 8.36 20.97 0.08
CAL 2V4 F . 9.02 21.88 2.06
CAY 2V4 F . 10.34 21.60 2.87
CAA 2V4 F . 10.02 21.53 4.38
OAG 2V4 F . 11.27 22.65 2.65
CAM 2V4 F . 10.98 20.26 2.43
CAQ 2V4 F . 10.01 19.25 2.42
CAK 2V4 F . 10.26 18.04 3.03
CAP 2V4 F . 9.29 17.05 3.00
OAF 2V4 F . 9.51 15.84 3.59
CAW 2V4 F . 8.04 17.27 2.40
CAT 2V4 F . 7.08 16.25 2.42
OAD 2V4 F . 7.33 15.17 2.97
CAV 2V4 F . 5.84 16.46 1.80
CAU 2V4 F . 5.57 17.68 1.18
CAJ 2V4 F . 4.33 17.89 0.56
CAH 2V4 F . 3.36 16.90 0.55
CAI 2V4 F . 3.62 15.68 1.17
CAO 2V4 F . 4.85 15.47 1.79
OAE 2V4 F . 5.13 14.29 2.39
#